data_4N95
#
_entry.id   4N95
#
_cell.length_a   40.720
_cell.length_b   64.040
_cell.length_c   71.700
_cell.angle_alpha   73.880
_cell.angle_beta   82.290
_cell.angle_gamma   84.030
#
_symmetry.space_group_name_H-M   'P 1'
#
loop_
_entity.id
_entity.type
_entity.pdbx_description
1 polymer 'DNA polymerase III subunit beta'
2 non-polymer 'TETRAETHYLENE GLYCOL'
3 non-polymer DI(HYDROXYETHYL)ETHER
4 non-polymer 5-chloro-1H-indole-2,3-dione
5 non-polymer 'CHLORIDE ION'
6 non-polymer 'TRIETHYLENE GLYCOL'
7 non-polymer 'CALCIUM ION'
8 water water
#
_entity_poly.entity_id   1
_entity_poly.type   'polypeptide(L)'
_entity_poly.pdbx_seq_one_letter_code
;MKFTVEREHLLKPLQQVSGPLGGRPTLPILGNLLLQVADGTLSLTGTDLEMEMVARVALVQPHEPGATTVPARKFFDICR
GLPEGAEIAVQLEGERMLVRSGRSRFSLSTLPAADFPNLDDWQSEVEFTLPQATMKRLIEATQFSMAHQDVRYYLNGMLF
ETEGEELRTVATDGHRLAVCSMPIGQSLPSHSVIVPRKGVIELMRMLDGGDNPLRVQIGSNNIRAHVGDFIFTSKLVDGR
FPDYRRVLPKNPDKHLEAGCDLLKQAFARAAILSNEKFRGVRLYVSENQLKITANNPEQEEAEEILDVTYSGAEMEIGFN
VSYVLDVLNALKCENVRMMLTDSVSSVQIEDAASQSAAYVVMPMRL
;
_entity_poly.pdbx_strand_id   B,A
#
# COMPACT_ATOMS: atom_id res chain seq x y z
N MET A 1 14.42 -31.52 19.42
CA MET A 1 13.51 -31.23 18.27
C MET A 1 14.34 -30.99 17.03
N LYS A 2 14.07 -31.75 15.98
CA LYS A 2 14.76 -31.57 14.71
C LYS A 2 13.78 -31.80 13.57
N PHE A 3 13.86 -30.97 12.56
CA PHE A 3 13.18 -31.26 11.31
C PHE A 3 13.92 -30.62 10.15
N THR A 4 13.67 -31.12 8.94
CA THR A 4 14.10 -30.45 7.74
C THR A 4 12.89 -30.40 6.82
N VAL A 5 12.54 -29.22 6.34
CA VAL A 5 11.39 -29.07 5.41
C VAL A 5 11.71 -28.17 4.22
N GLU A 6 11.19 -28.53 3.05
CA GLU A 6 11.22 -27.67 1.86
C GLU A 6 10.57 -26.30 2.18
N ARG A 7 11.25 -25.22 1.79
CA ARG A 7 10.85 -23.85 2.11
C ARG A 7 9.38 -23.57 1.87
N GLU A 8 8.86 -23.98 0.72
CA GLU A 8 7.47 -23.62 0.38
C GLU A 8 6.44 -24.40 1.17
N HIS A 9 6.84 -25.50 1.81
CA HIS A 9 5.94 -26.19 2.73
C HIS A 9 5.81 -25.51 4.08
N LEU A 10 6.74 -24.60 4.37
CA LEU A 10 6.72 -23.83 5.60
C LEU A 10 6.09 -22.46 5.43
N LEU A 11 6.19 -21.88 4.24
CA LEU A 11 5.89 -20.44 4.09
C LEU A 11 4.45 -20.01 4.32
N LYS A 12 3.50 -20.62 3.62
CA LYS A 12 2.11 -20.30 3.80
C LYS A 12 1.67 -20.61 5.24
N PRO A 13 2.08 -21.78 5.78
CA PRO A 13 1.76 -22.02 7.18
C PRO A 13 2.30 -20.94 8.13
N LEU A 14 3.56 -20.55 7.95
CA LEU A 14 4.13 -19.46 8.76
C LEU A 14 3.38 -18.14 8.61
N GLN A 15 2.98 -17.81 7.38
CA GLN A 15 2.23 -16.60 7.15
C GLN A 15 0.90 -16.67 7.89
N GLN A 16 0.18 -17.79 7.74
CA GLN A 16 -1.13 -17.94 8.40
C GLN A 16 -1.05 -17.83 9.91
N VAL A 17 -0.16 -18.60 10.53
CA VAL A 17 -0.13 -18.66 11.98
C VAL A 17 0.39 -17.39 12.62
N SER A 18 1.09 -16.57 11.84
CA SER A 18 1.53 -15.26 12.30
C SER A 18 0.41 -14.20 12.27
N GLY A 19 -0.71 -14.54 11.62
CA GLY A 19 -1.89 -13.68 11.56
C GLY A 19 -2.22 -12.91 12.84
N PRO A 20 -2.42 -13.62 13.97
CA PRO A 20 -2.80 -12.94 15.23
C PRO A 20 -1.75 -12.02 15.84
N LEU A 21 -0.50 -12.11 15.38
CA LEU A 21 0.57 -11.30 15.94
C LEU A 21 0.56 -9.93 15.26
N PRO A 25 5.08 -8.50 20.59
CA PRO A 25 4.41 -7.22 20.73
C PRO A 25 4.33 -6.77 22.20
N THR A 26 3.29 -7.15 22.95
CA THR A 26 3.14 -6.71 24.33
CA THR A 26 3.13 -6.73 24.33
C THR A 26 4.21 -7.32 25.24
N LEU A 27 4.35 -8.65 25.19
CA LEU A 27 5.41 -9.37 25.90
C LEU A 27 6.07 -10.30 24.89
N PRO A 28 7.36 -10.63 25.11
CA PRO A 28 8.08 -11.28 24.01
C PRO A 28 7.48 -12.58 23.50
N ILE A 29 6.99 -13.43 24.39
CA ILE A 29 6.50 -14.74 23.93
C ILE A 29 5.28 -14.63 23.01
N LEU A 30 4.54 -13.53 23.10
CA LEU A 30 3.42 -13.30 22.17
C LEU A 30 3.86 -12.94 20.75
N GLY A 31 5.15 -12.61 20.59
CA GLY A 31 5.74 -12.45 19.27
C GLY A 31 6.41 -13.72 18.76
N ASN A 32 6.26 -14.82 19.50
CA ASN A 32 6.82 -16.11 19.12
C ASN A 32 5.77 -17.06 18.57
N LEU A 33 6.23 -17.98 17.74
CA LEU A 33 5.40 -19.11 17.34
C LEU A 33 5.84 -20.34 18.12
N LEU A 34 4.86 -21.14 18.52
CA LEU A 34 5.09 -22.44 19.10
C LEU A 34 5.32 -23.45 17.97
N LEU A 35 6.47 -24.14 18.00
CA LEU A 35 6.78 -25.23 17.07
C LEU A 35 6.78 -26.54 17.84
N GLN A 36 6.07 -27.53 17.31
CA GLN A 36 5.97 -28.84 17.96
C GLN A 36 6.13 -29.91 16.91
N VAL A 37 7.09 -30.81 17.11
CA VAL A 37 7.22 -32.02 16.29
C VAL A 37 6.72 -33.20 17.11
N ALA A 38 5.71 -33.88 16.58
CA ALA A 38 5.13 -35.06 17.20
C ALA A 38 4.38 -35.84 16.15
N ASP A 39 4.55 -37.16 16.18
CA ASP A 39 3.88 -38.11 15.26
C ASP A 39 3.95 -37.72 13.80
N GLY A 40 5.17 -37.45 13.33
CA GLY A 40 5.38 -37.14 11.93
C GLY A 40 4.88 -35.79 11.44
N THR A 41 4.53 -34.91 12.38
CA THR A 41 3.93 -33.64 12.01
C THR A 41 4.59 -32.49 12.77
N LEU A 42 4.87 -31.41 12.04
CA LEU A 42 5.27 -30.14 12.64
C LEU A 42 4.01 -29.30 12.80
N SER A 43 3.73 -28.86 14.01
CA SER A 43 2.62 -27.96 14.26
C SER A 43 3.19 -26.61 14.62
N LEU A 44 2.59 -25.57 14.06
CA LEU A 44 2.96 -24.20 14.32
C LEU A 44 1.75 -23.49 14.91
N THR A 45 1.94 -22.71 15.97
CA THR A 45 0.82 -21.97 16.56
C THR A 45 1.20 -20.55 16.88
N GLY A 46 0.31 -19.62 16.51
CA GLY A 46 0.42 -18.23 16.91
C GLY A 46 -0.81 -17.85 17.67
N THR A 47 -0.67 -16.96 18.67
CA THR A 47 -1.80 -16.56 19.51
C THR A 47 -1.67 -15.10 19.93
N ASP A 48 -2.79 -14.44 20.21
CA ASP A 48 -2.75 -13.13 20.86
C ASP A 48 -3.46 -13.17 22.21
N LEU A 49 -3.67 -14.38 22.74
CA LEU A 49 -4.42 -14.64 23.98
C LEU A 49 -5.94 -14.73 23.81
N GLU A 50 -6.49 -14.13 22.76
CA GLU A 50 -7.93 -14.20 22.44
CA GLU A 50 -7.92 -14.21 22.46
C GLU A 50 -8.16 -15.31 21.42
N MET A 51 -7.24 -15.43 20.47
CA MET A 51 -7.39 -16.45 19.45
C MET A 51 -6.05 -17.08 19.16
N GLU A 52 -6.11 -18.22 18.47
CA GLU A 52 -4.90 -18.91 18.02
C GLU A 52 -5.14 -19.48 16.63
N MET A 53 -4.06 -19.55 15.86
CA MET A 53 -4.08 -20.17 14.55
C MET A 53 -3.02 -21.25 14.56
N VAL A 54 -3.41 -22.45 14.12
CA VAL A 54 -2.54 -23.61 14.12
C VAL A 54 -2.44 -24.10 12.69
N ALA A 55 -1.22 -24.46 12.28
CA ALA A 55 -1.00 -25.14 11.01
C ALA A 55 -0.31 -26.47 11.27
N ARG A 56 -0.68 -27.50 10.50
CA ARG A 56 0.01 -28.76 10.59
C ARG A 56 0.73 -28.96 9.28
N VAL A 57 2.02 -29.28 9.36
CA VAL A 57 2.79 -29.56 8.16
C VAL A 57 3.40 -30.94 8.28
N ALA A 58 3.15 -31.75 7.26
CA ALA A 58 3.64 -33.12 7.24
C ALA A 58 5.16 -33.11 7.04
N LEU A 59 5.84 -34.01 7.75
CA LEU A 59 7.30 -34.16 7.66
C LEU A 59 7.65 -35.44 6.92
N VAL A 60 8.24 -35.29 5.74
CA VAL A 60 8.65 -36.45 4.94
C VAL A 60 10.14 -36.74 5.09
N GLN A 61 10.87 -35.83 5.74
CA GLN A 61 12.30 -35.95 5.93
C GLN A 61 12.56 -36.37 7.38
N PRO A 62 13.75 -36.92 7.69
CA PRO A 62 14.00 -37.32 9.07
C PRO A 62 13.76 -36.19 10.05
N HIS A 63 13.17 -36.52 11.19
CA HIS A 63 12.83 -35.54 12.24
C HIS A 63 12.96 -36.15 13.63
N GLU A 64 13.05 -35.29 14.64
CA GLU A 64 13.06 -35.74 16.02
CA GLU A 64 13.07 -35.74 16.02
C GLU A 64 12.05 -34.91 16.81
N PRO A 65 11.27 -35.59 17.68
CA PRO A 65 10.23 -34.85 18.40
C PRO A 65 10.74 -33.82 19.42
N GLY A 66 9.88 -32.86 19.71
CA GLY A 66 10.17 -31.82 20.70
C GLY A 66 9.42 -30.56 20.37
N ALA A 67 9.57 -29.56 21.23
CA ALA A 67 8.87 -28.28 21.04
C ALA A 67 9.63 -27.11 21.62
N THR A 68 9.40 -25.94 21.04
CA THR A 68 10.01 -24.71 21.51
C THR A 68 9.22 -23.54 20.96
N THR A 69 9.59 -22.32 21.36
CA THR A 69 9.00 -21.15 20.71
C THR A 69 10.12 -20.26 20.17
N VAL A 70 9.86 -19.63 19.02
CA VAL A 70 10.84 -18.75 18.36
C VAL A 70 10.16 -17.52 17.77
N PRO A 71 10.93 -16.43 17.57
CA PRO A 71 10.30 -15.20 17.08
C PRO A 71 9.70 -15.39 15.68
N ALA A 72 8.42 -15.07 15.55
CA ALA A 72 7.67 -15.37 14.33
C ALA A 72 8.19 -14.60 13.12
N ARG A 73 8.34 -13.28 13.29
CA ARG A 73 8.77 -12.40 12.21
C ARG A 73 10.16 -12.79 11.68
N LYS A 74 11.12 -13.00 12.59
CA LYS A 74 12.48 -13.38 12.19
C LYS A 74 12.48 -14.73 11.49
N PHE A 75 11.77 -15.71 12.03
CA PHE A 75 11.77 -17.05 11.44
C PHE A 75 11.10 -17.04 10.07
N PHE A 76 9.98 -16.33 9.96
CA PHE A 76 9.30 -16.18 8.68
C PHE A 76 10.18 -15.50 7.63
N ASP A 77 10.80 -14.39 8.01
CA ASP A 77 11.66 -13.64 7.09
C ASP A 77 12.85 -14.46 6.61
N ILE A 78 13.42 -15.27 7.49
CA ILE A 78 14.52 -16.17 7.12
C ILE A 78 14.05 -17.16 6.04
N CYS A 79 12.95 -17.84 6.30
CA CYS A 79 12.40 -18.81 5.37
C CYS A 79 12.02 -18.17 4.03
N ARG A 80 11.38 -17.01 4.09
CA ARG A 80 10.97 -16.28 2.89
C ARG A 80 12.18 -15.81 2.07
N GLY A 81 13.27 -15.44 2.76
CA GLY A 81 14.46 -14.91 2.11
C GLY A 81 15.39 -15.95 1.49
N LEU A 82 15.17 -17.22 1.83
CA LEU A 82 15.94 -18.30 1.24
C LEU A 82 15.45 -18.58 -0.19
N PRO A 83 16.33 -19.14 -1.02
CA PRO A 83 15.96 -19.37 -2.44
C PRO A 83 14.81 -20.38 -2.61
N GLU A 84 14.06 -20.29 -3.73
CA GLU A 84 12.95 -21.20 -3.98
C GLU A 84 13.46 -22.64 -3.90
N GLY A 85 12.72 -23.48 -3.19
CA GLY A 85 13.05 -24.90 -3.08
C GLY A 85 14.10 -25.23 -2.04
N ALA A 86 14.56 -24.22 -1.29
CA ALA A 86 15.57 -24.42 -0.27
C ALA A 86 15.09 -25.40 0.80
N GLU A 87 16.00 -26.29 1.21
CA GLU A 87 15.75 -27.23 2.29
C GLU A 87 16.11 -26.55 3.59
N ILE A 88 15.16 -26.46 4.51
CA ILE A 88 15.36 -25.71 5.74
C ILE A 88 15.48 -26.69 6.89
N ALA A 89 16.69 -26.82 7.42
CA ALA A 89 16.98 -27.70 8.54
C ALA A 89 16.96 -26.92 9.86
N VAL A 90 16.23 -27.46 10.84
CA VAL A 90 16.05 -26.83 12.14
C VAL A 90 16.43 -27.80 13.27
N GLN A 91 17.14 -27.28 14.27
CA GLN A 91 17.54 -28.07 15.41
C GLN A 91 17.48 -27.22 16.66
N LEU A 92 16.69 -27.66 17.65
CA LEU A 92 16.61 -27.01 18.94
C LEU A 92 17.86 -27.28 19.75
N GLU A 93 18.43 -26.22 20.31
CA GLU A 93 19.63 -26.34 21.13
C GLU A 93 19.47 -25.47 22.38
N GLY A 94 18.63 -25.92 23.30
CA GLY A 94 18.31 -25.16 24.50
C GLY A 94 17.73 -23.76 24.29
N GLU A 95 18.53 -22.74 24.64
CA GLU A 95 18.10 -21.34 24.60
C GLU A 95 18.18 -20.76 23.18
N ARG A 96 18.61 -21.58 22.22
CA ARG A 96 18.71 -21.19 20.81
C ARG A 96 18.08 -22.26 19.96
N MET A 97 17.56 -21.86 18.81
CA MET A 97 17.16 -22.77 17.76
C MET A 97 18.00 -22.48 16.53
N LEU A 98 18.66 -23.49 15.98
CA LEU A 98 19.51 -23.27 14.82
C LEU A 98 18.76 -23.57 13.53
N VAL A 99 18.97 -22.73 12.53
CA VAL A 99 18.36 -22.89 11.23
C VAL A 99 19.46 -22.90 10.18
N ARG A 100 19.44 -23.90 9.31
CA ARG A 100 20.48 -24.03 8.30
C ARG A 100 19.86 -24.36 6.96
N SER A 101 20.35 -23.70 5.92
CA SER A 101 19.95 -24.01 4.55
C SER A 101 21.14 -23.67 3.66
N GLY A 102 21.63 -24.65 2.91
CA GLY A 102 22.88 -24.50 2.17
C GLY A 102 23.99 -24.03 3.09
N ARG A 103 24.58 -22.89 2.79
CA ARG A 103 25.58 -22.27 3.66
C ARG A 103 25.04 -20.99 4.27
N SER A 104 23.74 -20.99 4.54
CA SER A 104 23.08 -19.93 5.30
C SER A 104 22.77 -20.52 6.68
N ARG A 105 23.18 -19.82 7.74
CA ARG A 105 23.03 -20.30 9.10
C ARG A 105 22.50 -19.21 10.02
N PHE A 106 21.57 -19.57 10.88
CA PHE A 106 20.89 -18.62 11.76
C PHE A 106 20.65 -19.23 13.11
N SER A 107 20.79 -18.42 14.14
CA SER A 107 20.56 -18.85 15.50
C SER A 107 19.51 -17.91 16.08
N LEU A 108 18.38 -18.46 16.53
CA LEU A 108 17.29 -17.68 17.09
C LEU A 108 17.14 -17.97 18.58
N SER A 109 16.81 -16.94 19.35
CA SER A 109 16.60 -17.08 20.78
C SER A 109 15.23 -17.68 21.04
N THR A 110 15.18 -18.64 21.95
CA THR A 110 13.96 -19.37 22.24
C THR A 110 13.38 -19.03 23.59
N LEU A 111 12.09 -19.31 23.72
CA LEU A 111 11.40 -19.35 25.02
C LEU A 111 10.67 -20.68 25.11
N PRO A 112 10.59 -21.25 26.33
CA PRO A 112 10.04 -22.61 26.43
C PRO A 112 8.63 -22.79 25.92
N ALA A 113 8.41 -23.89 25.22
CA ALA A 113 7.07 -24.30 24.82
C ALA A 113 6.14 -24.36 26.01
N ALA A 114 6.64 -24.77 27.18
CA ALA A 114 5.80 -24.90 28.36
C ALA A 114 5.25 -23.57 28.87
N ASP A 115 5.85 -22.46 28.43
CA ASP A 115 5.40 -21.13 28.81
C ASP A 115 4.49 -20.50 27.75
N PHE A 116 4.33 -21.16 26.61
CA PHE A 116 3.50 -20.61 25.55
C PHE A 116 2.04 -20.64 26.00
N PRO A 117 1.33 -19.50 25.88
CA PRO A 117 -0.03 -19.49 26.38
C PRO A 117 -0.95 -20.44 25.59
N ASN A 118 -1.80 -21.15 26.31
CA ASN A 118 -2.60 -22.23 25.76
C ASN A 118 -4.06 -21.79 25.91
N LEU A 119 -4.80 -21.62 24.81
CA LEU A 119 -6.25 -21.43 24.91
C LEU A 119 -6.83 -22.61 25.67
N ASP A 120 -7.64 -22.33 26.69
CA ASP A 120 -8.22 -23.37 27.52
C ASP A 120 -9.04 -24.39 26.74
N ASP A 121 -9.19 -25.56 27.33
CA ASP A 121 -10.00 -26.60 26.75
C ASP A 121 -11.46 -26.18 26.87
N TRP A 122 -12.30 -26.68 25.97
CA TRP A 122 -13.71 -26.34 25.96
C TRP A 122 -14.48 -27.43 25.22
N GLN A 123 -15.80 -27.34 25.23
CA GLN A 123 -16.62 -28.35 24.57
C GLN A 123 -17.48 -27.73 23.49
N SER A 124 -17.50 -28.40 22.33
CA SER A 124 -18.39 -28.02 21.24
C SER A 124 -19.86 -28.32 21.58
N GLU A 125 -20.74 -27.38 21.25
CA GLU A 125 -22.18 -27.55 21.40
C GLU A 125 -22.90 -27.68 20.05
N VAL A 126 -22.30 -27.10 19.01
CA VAL A 126 -22.85 -27.17 17.65
CA VAL A 126 -22.84 -27.22 17.66
C VAL A 126 -21.69 -27.40 16.67
N GLU A 127 -21.91 -28.26 15.69
CA GLU A 127 -20.90 -28.54 14.68
C GLU A 127 -21.57 -28.66 13.32
N PHE A 128 -20.89 -28.16 12.31
CA PHE A 128 -21.34 -28.32 10.94
C PHE A 128 -20.23 -28.06 9.93
N THR A 129 -20.47 -28.52 8.71
CA THR A 129 -19.56 -28.29 7.61
CA THR A 129 -19.57 -28.33 7.60
C THR A 129 -20.25 -27.44 6.56
N LEU A 130 -19.47 -26.60 5.89
CA LEU A 130 -20.02 -25.79 4.80
C LEU A 130 -18.91 -25.45 3.81
N PRO A 131 -19.29 -25.15 2.55
CA PRO A 131 -18.30 -24.70 1.58
C PRO A 131 -17.56 -23.44 2.03
N GLN A 132 -16.26 -23.41 1.78
CA GLN A 132 -15.40 -22.24 2.00
C GLN A 132 -16.09 -20.97 1.48
N ALA A 133 -16.57 -21.04 0.24
CA ALA A 133 -17.22 -19.91 -0.44
C ALA A 133 -18.45 -19.34 0.31
N THR A 134 -19.21 -20.20 0.97
CA THR A 134 -20.36 -19.74 1.76
C THR A 134 -19.92 -18.93 2.96
N MET A 135 -18.88 -19.40 3.67
CA MET A 135 -18.38 -18.64 4.82
C MET A 135 -17.78 -17.31 4.36
N LYS A 136 -17.11 -17.32 3.21
CA LYS A 136 -16.50 -16.13 2.64
C LYS A 136 -17.58 -15.10 2.31
N ARG A 137 -18.62 -15.56 1.61
CA ARG A 137 -19.82 -14.75 1.34
C ARG A 137 -20.40 -14.13 2.62
N LEU A 138 -20.69 -14.96 3.61
CA LEU A 138 -21.27 -14.46 4.87
C LEU A 138 -20.43 -13.35 5.53
N ILE A 139 -19.12 -13.54 5.57
CA ILE A 139 -18.25 -12.56 6.20
C ILE A 139 -18.09 -11.30 5.35
N GLU A 140 -17.80 -11.46 4.06
CA GLU A 140 -17.59 -10.30 3.17
C GLU A 140 -18.84 -9.44 3.12
N ALA A 141 -20.01 -10.06 3.21
CA ALA A 141 -21.29 -9.33 3.13
C ALA A 141 -21.51 -8.39 4.31
N THR A 142 -20.88 -8.67 5.44
CA THR A 142 -21.23 -7.98 6.68
C THR A 142 -20.08 -7.32 7.44
N GLN A 143 -18.85 -7.77 7.21
CA GLN A 143 -17.68 -7.40 8.02
C GLN A 143 -17.45 -5.89 8.14
N PHE A 144 -17.67 -5.17 7.06
CA PHE A 144 -17.50 -3.71 7.06
C PHE A 144 -18.41 -2.94 8.04
N SER A 145 -19.48 -3.56 8.53
CA SER A 145 -20.39 -2.88 9.44
C SER A 145 -20.07 -3.12 10.92
N MET A 146 -19.06 -3.93 11.23
CA MET A 146 -18.61 -4.10 12.61
C MET A 146 -18.05 -2.77 13.12
N ALA A 147 -18.27 -2.47 14.39
CA ALA A 147 -17.60 -1.32 15.02
C ALA A 147 -16.10 -1.60 15.15
N HIS A 148 -15.33 -0.51 15.24
CA HIS A 148 -13.88 -0.55 15.47
C HIS A 148 -13.62 0.20 16.77
N GLN A 149 -13.19 -0.54 17.78
CA GLN A 149 -12.92 0.01 19.11
C GLN A 149 -14.02 0.89 19.72
N ASP A 150 -15.28 0.54 19.47
CA ASP A 150 -16.39 1.23 20.15
C ASP A 150 -16.33 0.86 21.64
N VAL A 151 -16.74 1.78 22.51
CA VAL A 151 -16.78 1.52 23.96
C VAL A 151 -17.82 0.44 24.27
N ARG A 152 -18.81 0.28 23.39
CA ARG A 152 -19.73 -0.86 23.46
C ARG A 152 -19.02 -2.07 22.87
N TYR A 153 -18.35 -2.83 23.73
CA TYR A 153 -17.46 -3.90 23.27
CA TYR A 153 -17.46 -3.89 23.26
C TYR A 153 -18.21 -4.93 22.42
N TYR A 154 -19.50 -5.10 22.71
CA TYR A 154 -20.32 -6.09 21.99
C TYR A 154 -20.49 -5.81 20.48
N LEU A 155 -20.15 -4.60 20.03
CA LEU A 155 -20.29 -4.25 18.61
C LEU A 155 -19.00 -4.47 17.83
N ASN A 156 -17.90 -4.68 18.56
CA ASN A 156 -16.58 -4.87 17.94
C ASN A 156 -16.38 -6.32 17.56
N GLY A 157 -17.28 -6.80 16.71
CA GLY A 157 -17.33 -8.20 16.39
C GLY A 157 -18.51 -8.49 15.52
N MET A 158 -18.73 -9.77 15.28
CA MET A 158 -19.74 -10.23 14.34
C MET A 158 -20.56 -11.34 14.98
N LEU A 159 -21.87 -11.20 14.90
CA LEU A 159 -22.78 -12.23 15.37
C LEU A 159 -22.80 -13.34 14.35
N PHE A 160 -22.61 -14.56 14.83
CA PHE A 160 -22.84 -15.78 14.07
C PHE A 160 -24.03 -16.50 14.71
N GLU A 161 -25.05 -16.78 13.91
CA GLU A 161 -26.31 -17.30 14.38
C GLU A 161 -26.66 -18.55 13.57
N THR A 162 -26.87 -19.66 14.25
CA THR A 162 -27.36 -20.88 13.62
C THR A 162 -28.81 -21.06 14.03
N GLU A 163 -29.65 -21.42 13.08
CA GLU A 163 -31.01 -21.86 13.38
C GLU A 163 -31.60 -22.59 12.19
N GLY A 164 -32.03 -23.82 12.43
CA GLY A 164 -32.53 -24.66 11.35
C GLY A 164 -31.45 -24.88 10.33
N GLU A 165 -31.79 -24.74 9.06
CA GLU A 165 -30.86 -24.98 7.96
C GLU A 165 -30.19 -23.69 7.50
N GLU A 166 -29.97 -22.76 8.42
CA GLU A 166 -29.42 -21.46 8.09
C GLU A 166 -28.32 -21.03 9.02
N LEU A 167 -27.25 -20.49 8.44
CA LEU A 167 -26.22 -19.76 9.17
C LEU A 167 -26.34 -18.29 8.78
N ARG A 168 -26.28 -17.43 9.79
CA ARG A 168 -26.47 -16.02 9.57
C ARG A 168 -25.36 -15.24 10.26
N THR A 169 -24.92 -14.17 9.59
CA THR A 169 -23.98 -13.21 10.17
C THR A 169 -24.65 -11.85 10.34
N VAL A 170 -24.33 -11.16 11.43
CA VAL A 170 -24.84 -9.81 11.66
C VAL A 170 -23.73 -8.92 12.22
N ALA A 171 -23.62 -7.71 11.71
CA ALA A 171 -22.63 -6.76 12.18
C ALA A 171 -23.26 -5.37 12.23
N THR A 172 -22.96 -4.62 13.28
CA THR A 172 -23.47 -3.26 13.40
C THR A 172 -22.53 -2.42 14.25
N ASP A 173 -22.50 -1.14 13.97
CA ASP A 173 -21.76 -0.18 14.77
C ASP A 173 -22.69 0.83 15.43
N GLY A 174 -23.98 0.52 15.44
CA GLY A 174 -25.01 1.38 16.04
C GLY A 174 -25.62 2.37 15.07
N HIS A 175 -24.92 2.63 13.96
CA HIS A 175 -25.35 3.59 12.95
C HIS A 175 -25.81 2.88 11.68
N ARG A 176 -25.18 1.75 11.38
CA ARG A 176 -25.56 0.95 10.23
C ARG A 176 -25.41 -0.52 10.56
N LEU A 177 -26.20 -1.34 9.88
CA LEU A 177 -26.27 -2.75 10.17
C LEU A 177 -26.19 -3.53 8.87
N ALA A 178 -25.55 -4.68 8.94
CA ALA A 178 -25.54 -5.67 7.84
C ALA A 178 -25.92 -7.04 8.36
N VAL A 179 -26.79 -7.73 7.62
CA VAL A 179 -27.17 -9.10 7.96
C VAL A 179 -27.15 -9.97 6.70
N CYS A 180 -26.58 -11.17 6.81
CA CYS A 180 -26.55 -12.10 5.68
C CYS A 180 -26.89 -13.51 6.16
N SER A 181 -27.70 -14.23 5.37
CA SER A 181 -28.17 -15.56 5.74
C SER A 181 -27.91 -16.51 4.58
N MET A 182 -27.34 -17.68 4.85
CA MET A 182 -27.09 -18.68 3.83
C MET A 182 -27.56 -20.07 4.28
N PRO A 183 -28.12 -20.86 3.33
CA PRO A 183 -28.51 -22.23 3.69
C PRO A 183 -27.31 -23.15 3.85
N ILE A 184 -27.38 -24.11 4.76
CA ILE A 184 -26.29 -25.07 4.91
C ILE A 184 -26.69 -26.56 4.76
N GLY A 185 -27.99 -26.84 4.65
CA GLY A 185 -28.44 -28.21 4.34
C GLY A 185 -28.18 -29.24 5.42
N GLN A 186 -28.03 -28.77 6.65
CA GLN A 186 -28.02 -29.59 7.85
C GLN A 186 -28.85 -28.79 8.84
N SER A 187 -29.67 -29.44 9.66
CA SER A 187 -30.49 -28.71 10.62
C SER A 187 -29.71 -28.48 11.90
N LEU A 188 -29.56 -27.21 12.28
CA LEU A 188 -28.71 -26.86 13.42
C LEU A 188 -29.55 -26.41 14.60
N PRO A 189 -29.07 -26.68 15.83
CA PRO A 189 -29.67 -26.10 17.02
C PRO A 189 -29.51 -24.58 17.03
N SER A 190 -30.38 -23.91 17.76
CA SER A 190 -30.31 -22.46 17.85
C SER A 190 -29.13 -22.04 18.70
N HIS A 191 -28.19 -21.30 18.09
CA HIS A 191 -27.03 -20.79 18.79
CA HIS A 191 -27.04 -20.76 18.82
C HIS A 191 -26.75 -19.35 18.31
N SER A 192 -26.31 -18.50 19.22
CA SER A 192 -25.99 -17.10 18.91
CA SER A 192 -25.98 -17.12 18.89
C SER A 192 -24.70 -16.72 19.62
N VAL A 193 -23.67 -16.39 18.86
CA VAL A 193 -22.37 -16.02 19.43
C VAL A 193 -21.75 -14.81 18.73
N ILE A 194 -20.90 -14.11 19.47
CA ILE A 194 -20.19 -12.95 18.93
C ILE A 194 -18.72 -13.27 18.79
N VAL A 195 -18.24 -13.19 17.55
CA VAL A 195 -16.85 -13.45 17.22
C VAL A 195 -16.12 -12.10 17.19
N PRO A 196 -15.03 -11.98 17.98
CA PRO A 196 -14.26 -10.72 18.01
C PRO A 196 -13.80 -10.34 16.61
N ARG A 197 -13.76 -9.04 16.34
CA ARG A 197 -13.50 -8.59 14.98
C ARG A 197 -12.16 -9.10 14.42
N LYS A 198 -11.16 -9.22 15.27
CA LYS A 198 -9.86 -9.70 14.84
C LYS A 198 -9.94 -11.15 14.39
N GLY A 199 -10.74 -11.94 15.10
CA GLY A 199 -10.99 -13.32 14.71
C GLY A 199 -11.76 -13.48 13.42
N VAL A 200 -12.70 -12.59 13.19
CA VAL A 200 -13.46 -12.60 11.94
C VAL A 200 -12.52 -12.36 10.76
N ILE A 201 -11.64 -11.37 10.92
CA ILE A 201 -10.69 -11.05 9.86
C ILE A 201 -9.73 -12.22 9.61
N GLU A 202 -9.26 -12.86 10.68
CA GLU A 202 -8.41 -14.04 10.56
C GLU A 202 -9.13 -15.21 9.90
N LEU A 203 -10.37 -15.45 10.30
CA LEU A 203 -11.16 -16.50 9.68
C LEU A 203 -11.32 -16.25 8.18
N MET A 204 -11.62 -15.00 7.83
CA MET A 204 -11.78 -14.59 6.44
CA MET A 204 -11.78 -14.60 6.42
C MET A 204 -10.51 -14.89 5.62
N ARG A 205 -9.36 -14.56 6.21
CA ARG A 205 -8.05 -14.66 5.58
CA ARG A 205 -8.09 -14.68 5.50
C ARG A 205 -7.54 -16.10 5.48
N MET A 206 -8.17 -17.03 6.19
CA MET A 206 -7.76 -18.43 6.13
C MET A 206 -8.49 -19.21 5.02
N LEU A 207 -9.46 -18.56 4.38
CA LEU A 207 -10.22 -19.20 3.31
C LEU A 207 -9.49 -19.01 1.99
N ASP A 208 -8.86 -20.09 1.49
CA ASP A 208 -8.07 -20.02 0.26
C ASP A 208 -8.93 -20.06 -1.00
N GLY A 209 -10.24 -20.27 -0.84
CA GLY A 209 -11.17 -20.25 -1.95
C GLY A 209 -11.04 -21.45 -2.89
N GLY A 210 -10.66 -22.60 -2.34
CA GLY A 210 -10.55 -23.84 -3.09
C GLY A 210 -11.63 -24.84 -2.72
N ASP A 211 -11.40 -26.10 -3.06
CA ASP A 211 -12.43 -27.15 -2.95
C ASP A 211 -12.77 -27.58 -1.53
N ASN A 212 -11.76 -27.81 -0.70
CA ASN A 212 -12.00 -28.47 0.58
C ASN A 212 -12.95 -27.68 1.50
N PRO A 213 -13.80 -28.39 2.25
CA PRO A 213 -14.80 -27.72 3.06
C PRO A 213 -14.24 -27.15 4.36
N LEU A 214 -15.06 -26.30 4.98
CA LEU A 214 -14.77 -25.71 6.28
C LEU A 214 -15.60 -26.46 7.30
N ARG A 215 -14.96 -26.87 8.40
CA ARG A 215 -15.66 -27.51 9.51
CA ARG A 215 -15.67 -27.50 9.50
C ARG A 215 -15.67 -26.56 10.68
N VAL A 216 -16.86 -26.21 11.15
CA VAL A 216 -17.05 -25.27 12.24
C VAL A 216 -17.57 -25.97 13.48
N GLN A 217 -16.98 -25.62 14.63
CA GLN A 217 -17.45 -26.05 15.93
C GLN A 217 -17.67 -24.83 16.81
N ILE A 218 -18.82 -24.77 17.47
CA ILE A 218 -19.14 -23.65 18.35
C ILE A 218 -19.49 -24.14 19.76
N GLY A 219 -18.85 -23.52 20.75
CA GLY A 219 -19.16 -23.78 22.14
C GLY A 219 -19.83 -22.55 22.71
N SER A 220 -19.96 -22.54 24.03
CA SER A 220 -20.59 -21.44 24.73
C SER A 220 -19.64 -20.22 24.78
N ASN A 221 -18.34 -20.48 24.73
CA ASN A 221 -17.34 -19.41 24.87
C ASN A 221 -16.24 -19.44 23.82
N ASN A 222 -16.36 -20.31 22.84
CA ASN A 222 -15.34 -20.48 21.85
C ASN A 222 -15.94 -20.82 20.50
N ILE A 223 -15.17 -20.56 19.45
CA ILE A 223 -15.48 -21.00 18.08
C ILE A 223 -14.21 -21.57 17.45
N ARG A 224 -14.36 -22.61 16.64
CA ARG A 224 -13.25 -23.22 15.94
C ARG A 224 -13.62 -23.50 14.51
N ALA A 225 -12.68 -23.26 13.61
CA ALA A 225 -12.87 -23.54 12.18
C ALA A 225 -11.67 -24.31 11.67
N HIS A 226 -11.92 -25.43 11.00
CA HIS A 226 -10.89 -26.30 10.42
CA HIS A 226 -10.85 -26.25 10.43
C HIS A 226 -11.01 -26.22 8.91
N VAL A 227 -9.96 -25.78 8.22
CA VAL A 227 -9.92 -25.95 6.76
C VAL A 227 -8.56 -26.48 6.34
N GLY A 228 -8.55 -27.60 5.64
CA GLY A 228 -7.31 -28.20 5.18
C GLY A 228 -6.50 -28.50 6.41
N ASP A 229 -5.26 -28.03 6.47
CA ASP A 229 -4.40 -28.33 7.61
C ASP A 229 -4.23 -27.14 8.53
N PHE A 230 -5.23 -26.26 8.53
CA PHE A 230 -5.25 -25.10 9.40
C PHE A 230 -6.42 -25.20 10.36
N ILE A 231 -6.18 -24.80 11.60
CA ILE A 231 -7.24 -24.78 12.62
C ILE A 231 -7.26 -23.45 13.32
N PHE A 232 -8.35 -22.69 13.14
CA PHE A 232 -8.52 -21.42 13.83
C PHE A 232 -9.42 -21.59 15.05
N THR A 233 -8.99 -21.06 16.20
CA THR A 233 -9.82 -21.07 17.40
C THR A 233 -9.82 -19.67 18.01
N SER A 234 -10.99 -19.20 18.40
CA SER A 234 -11.11 -17.93 19.11
C SER A 234 -12.03 -18.04 20.33
N LYS A 235 -11.71 -17.28 21.37
CA LYS A 235 -12.68 -16.99 22.41
C LYS A 235 -13.77 -16.11 21.82
N LEU A 236 -14.95 -16.13 22.44
CA LEU A 236 -16.06 -15.30 22.00
C LEU A 236 -16.15 -14.04 22.83
N VAL A 237 -16.80 -13.03 22.27
CA VAL A 237 -17.05 -11.81 23.00
C VAL A 237 -18.18 -12.16 23.95
N ASP A 238 -17.93 -12.08 25.25
CA ASP A 238 -18.95 -12.46 26.20
C ASP A 238 -19.86 -11.25 26.36
N GLY A 239 -20.98 -11.30 25.65
CA GLY A 239 -21.92 -10.19 25.59
C GLY A 239 -23.15 -10.68 24.88
N ARG A 240 -24.25 -9.92 24.98
CA ARG A 240 -25.47 -10.26 24.27
CA ARG A 240 -25.48 -10.25 24.28
C ARG A 240 -25.67 -9.22 23.17
N PHE A 241 -25.70 -9.70 21.93
CA PHE A 241 -25.79 -8.82 20.78
C PHE A 241 -27.20 -8.23 20.73
N PRO A 242 -27.34 -6.95 20.36
CA PRO A 242 -28.68 -6.36 20.33
C PRO A 242 -29.60 -7.10 19.35
N ASP A 243 -30.91 -7.00 19.53
CA ASP A 243 -31.84 -7.71 18.64
C ASP A 243 -31.90 -7.05 17.27
N TYR A 244 -31.12 -7.60 16.33
CA TYR A 244 -31.03 -7.13 14.95
C TYR A 244 -32.40 -7.08 14.26
N ARG A 245 -33.23 -8.08 14.50
CA ARG A 245 -34.50 -8.22 13.79
C ARG A 245 -35.40 -6.99 13.94
N ARG A 246 -35.28 -6.31 15.07
CA ARG A 246 -36.15 -5.17 15.39
C ARG A 246 -35.50 -3.86 14.99
N VAL A 247 -34.35 -3.91 14.33
CA VAL A 247 -33.78 -2.71 13.70
C VAL A 247 -34.17 -2.63 12.22
N LEU A 248 -34.57 -3.77 11.64
CA LEU A 248 -35.12 -3.79 10.28
C LEU A 248 -36.42 -2.99 10.22
N PRO A 249 -36.53 -2.02 9.30
CA PRO A 249 -37.79 -1.28 9.16
C PRO A 249 -39.01 -2.20 9.08
N LYS A 250 -40.04 -1.90 9.86
CA LYS A 250 -41.19 -2.83 9.99
C LYS A 250 -42.13 -2.84 8.77
N ASN A 251 -42.19 -1.73 8.02
CA ASN A 251 -42.89 -1.71 6.74
C ASN A 251 -42.36 -0.61 5.83
N PRO A 252 -41.21 -0.85 5.18
CA PRO A 252 -40.56 0.12 4.31
C PRO A 252 -41.14 0.06 2.89
N ASP A 253 -42.34 0.61 2.73
CA ASP A 253 -43.16 0.39 1.53
C ASP A 253 -42.72 1.11 0.24
N LYS A 254 -41.99 2.22 0.37
CA LYS A 254 -41.51 2.95 -0.83
C LYS A 254 -40.24 2.27 -1.33
N HIS A 255 -40.35 1.54 -2.45
CA HIS A 255 -39.22 0.78 -3.01
C HIS A 255 -38.61 1.53 -4.18
N LEU A 256 -37.30 1.68 -4.17
CA LEU A 256 -36.57 2.28 -5.28
C LEU A 256 -35.61 1.22 -5.84
N GLU A 257 -35.59 1.06 -7.16
CA GLU A 257 -34.60 0.18 -7.80
C GLU A 257 -33.75 0.95 -8.80
N ALA A 258 -32.46 0.61 -8.86
CA ALA A 258 -31.53 1.25 -9.77
C ALA A 258 -30.24 0.44 -9.90
N GLY A 259 -29.49 0.73 -10.96
CA GLY A 259 -28.22 0.04 -11.20
C GLY A 259 -27.26 0.30 -10.06
N CYS A 260 -26.65 -0.76 -9.54
CA CYS A 260 -25.70 -0.63 -8.42
C CYS A 260 -24.53 0.32 -8.75
N ASP A 261 -23.88 0.11 -9.88
CA ASP A 261 -22.74 0.93 -10.26
C ASP A 261 -23.13 2.38 -10.60
N LEU A 262 -24.25 2.54 -11.30
CA LEU A 262 -24.86 3.85 -11.53
C LEU A 262 -24.99 4.64 -10.22
N LEU A 263 -25.66 4.04 -9.24
CA LEU A 263 -25.77 4.64 -7.88
C LEU A 263 -24.41 4.89 -7.25
N LYS A 264 -23.57 3.86 -7.23
CA LYS A 264 -22.26 3.92 -6.56
C LYS A 264 -21.44 5.11 -7.04
N GLN A 265 -21.31 5.25 -8.35
CA GLN A 265 -20.51 6.32 -8.94
C GLN A 265 -21.09 7.72 -8.71
N ALA A 266 -22.42 7.84 -8.67
CA ALA A 266 -23.06 9.13 -8.44
C ALA A 266 -22.85 9.56 -6.99
N PHE A 267 -23.03 8.63 -6.06
CA PHE A 267 -22.73 8.92 -4.66
C PHE A 267 -21.26 9.22 -4.45
N ALA A 268 -20.40 8.51 -5.17
CA ALA A 268 -18.94 8.71 -5.04
C ALA A 268 -18.57 10.14 -5.50
N ARG A 269 -19.15 10.59 -6.61
CA ARG A 269 -18.91 11.96 -7.07
C ARG A 269 -19.51 13.03 -6.12
N ALA A 270 -20.74 12.80 -5.67
CA ALA A 270 -21.39 13.75 -4.74
C ALA A 270 -20.59 13.89 -3.46
N ALA A 271 -20.05 12.77 -2.98
CA ALA A 271 -19.24 12.77 -1.74
C ALA A 271 -18.08 13.79 -1.74
N ILE A 272 -17.51 14.02 -2.92
CA ILE A 272 -16.39 14.96 -3.09
C ILE A 272 -16.71 16.32 -2.46
N LEU A 273 -17.95 16.79 -2.63
CA LEU A 273 -18.34 18.09 -2.09
C LEU A 273 -19.25 17.99 -0.84
N SER A 274 -19.18 16.87 -0.14
CA SER A 274 -19.87 16.71 1.14
C SER A 274 -18.97 17.23 2.26
N ASN A 275 -19.58 17.53 3.41
CA ASN A 275 -18.85 17.94 4.60
C ASN A 275 -17.74 16.94 4.91
N GLU A 276 -16.52 17.43 5.09
CA GLU A 276 -15.36 16.55 5.25
C GLU A 276 -15.43 15.66 6.48
N LYS A 277 -16.08 16.16 7.53
CA LYS A 277 -16.25 15.42 8.76
C LYS A 277 -17.50 14.55 8.72
N PHE A 278 -18.64 15.16 8.38
CA PHE A 278 -19.94 14.51 8.55
C PHE A 278 -20.45 13.77 7.30
N ARG A 279 -19.91 14.13 6.15
CA ARG A 279 -20.07 13.36 4.89
C ARG A 279 -21.52 13.20 4.45
N GLY A 280 -22.34 14.19 4.77
CA GLY A 280 -23.77 14.11 4.50
C GLY A 280 -24.09 14.37 3.04
N VAL A 281 -24.94 13.53 2.48
CA VAL A 281 -25.57 13.78 1.19
C VAL A 281 -27.08 13.77 1.38
N ARG A 282 -27.79 14.42 0.47
CA ARG A 282 -29.24 14.49 0.48
C ARG A 282 -29.79 13.70 -0.72
N LEU A 283 -30.79 12.86 -0.45
CA LEU A 283 -31.51 12.15 -1.52
C LEU A 283 -32.90 12.74 -1.66
N TYR A 284 -33.27 13.14 -2.87
CA TYR A 284 -34.63 13.53 -3.20
CA TYR A 284 -34.65 13.50 -3.15
C TYR A 284 -35.18 12.49 -4.16
N VAL A 285 -36.20 11.75 -3.75
CA VAL A 285 -36.80 10.75 -4.61
C VAL A 285 -38.12 11.30 -5.16
N SER A 286 -38.35 11.05 -6.43
CA SER A 286 -39.58 11.44 -7.08
C SER A 286 -39.82 10.43 -8.17
N GLU A 287 -40.88 10.61 -8.95
CA GLU A 287 -41.28 9.57 -9.88
C GLU A 287 -40.15 9.21 -10.81
N ASN A 288 -39.71 7.95 -10.71
CA ASN A 288 -38.62 7.38 -11.52
C ASN A 288 -37.34 8.21 -11.55
N GLN A 289 -37.08 8.94 -10.48
CA GLN A 289 -35.91 9.80 -10.46
C GLN A 289 -35.34 9.90 -9.06
N LEU A 290 -34.01 9.87 -8.98
CA LEU A 290 -33.30 10.09 -7.74
C LEU A 290 -32.39 11.26 -7.98
N LYS A 291 -32.49 12.28 -7.15
CA LYS A 291 -31.54 13.39 -7.17
C LYS A 291 -30.69 13.28 -5.90
N ILE A 292 -29.38 13.27 -6.06
CA ILE A 292 -28.45 13.27 -4.94
C ILE A 292 -27.75 14.61 -4.92
N THR A 293 -27.75 15.26 -3.77
CA THR A 293 -27.02 16.52 -3.64
C THR A 293 -26.08 16.44 -2.46
N ALA A 294 -24.99 17.20 -2.56
CA ALA A 294 -24.11 17.41 -1.46
C ALA A 294 -23.72 18.86 -1.42
N ASN A 295 -23.54 19.39 -0.23
CA ASN A 295 -22.85 20.65 -0.09
C ASN A 295 -22.07 20.64 1.19
N ASN A 296 -21.13 21.57 1.26
CA ASN A 296 -20.21 21.62 2.38
C ASN A 296 -20.27 23.01 3.03
N PRO A 297 -19.58 23.19 4.16
CA PRO A 297 -19.55 24.50 4.81
C PRO A 297 -19.06 25.66 3.91
N GLU A 298 -18.22 25.35 2.91
CA GLU A 298 -17.71 26.38 1.98
C GLU A 298 -18.71 26.76 0.90
N GLN A 299 -19.93 26.23 0.98
CA GLN A 299 -20.99 26.59 0.05
C GLN A 299 -20.79 25.99 -1.36
N GLU A 300 -19.93 24.98 -1.50
CA GLU A 300 -19.79 24.26 -2.78
C GLU A 300 -20.92 23.24 -2.89
N GLU A 301 -21.24 22.81 -4.11
CA GLU A 301 -22.42 21.96 -4.34
C GLU A 301 -22.22 20.95 -5.44
N ALA A 302 -22.70 19.73 -5.21
CA ALA A 302 -22.77 18.71 -6.24
C ALA A 302 -24.22 18.27 -6.42
N GLU A 303 -24.57 17.89 -7.65
CA GLU A 303 -25.89 17.38 -7.93
C GLU A 303 -25.77 16.27 -8.95
N GLU A 304 -26.46 15.17 -8.68
CA GLU A 304 -26.49 14.05 -9.61
C GLU A 304 -27.94 13.67 -9.79
N ILE A 305 -28.38 13.58 -11.04
CA ILE A 305 -29.73 13.12 -11.33
C ILE A 305 -29.65 11.79 -12.06
N LEU A 306 -30.45 10.84 -11.60
CA LEU A 306 -30.41 9.46 -12.08
C LEU A 306 -31.81 8.99 -12.38
N ASP A 307 -31.96 8.22 -13.45
CA ASP A 307 -33.21 7.54 -13.75
C ASP A 307 -33.25 6.28 -12.90
N VAL A 308 -34.34 6.10 -12.18
CA VAL A 308 -34.53 4.92 -11.33
C VAL A 308 -35.96 4.43 -11.52
N THR A 309 -36.30 3.30 -10.90
CA THR A 309 -37.70 2.88 -10.77
C THR A 309 -38.20 3.26 -9.39
N TYR A 310 -39.16 4.17 -9.35
CA TYR A 310 -39.74 4.63 -8.10
C TYR A 310 -41.12 5.22 -8.36
N SER A 311 -42.11 4.77 -7.61
CA SER A 311 -43.48 5.25 -7.75
C SER A 311 -44.11 5.68 -6.42
N GLY A 312 -43.33 5.69 -5.34
CA GLY A 312 -43.80 6.12 -4.04
C GLY A 312 -43.86 7.63 -3.92
N ALA A 313 -44.23 8.12 -2.74
CA ALA A 313 -44.34 9.56 -2.53
C ALA A 313 -42.97 10.22 -2.58
N GLU A 314 -42.95 11.49 -2.97
CA GLU A 314 -41.73 12.26 -2.93
C GLU A 314 -41.26 12.41 -1.49
N MET A 315 -39.97 12.22 -1.27
CA MET A 315 -39.39 12.49 0.03
C MET A 315 -37.92 12.88 -0.09
N GLU A 316 -37.44 13.56 0.95
CA GLU A 316 -36.06 14.01 1.04
C GLU A 316 -35.48 13.33 2.30
N ILE A 317 -34.30 12.75 2.18
CA ILE A 317 -33.65 12.06 3.32
C ILE A 317 -32.13 12.20 3.20
N GLY A 318 -31.45 12.38 4.34
CA GLY A 318 -30.01 12.53 4.36
C GLY A 318 -29.28 11.32 4.92
N PHE A 319 -28.14 10.99 4.34
CA PHE A 319 -27.29 9.90 4.82
C PHE A 319 -25.82 10.25 4.82
N ASN A 320 -25.10 9.55 5.68
CA ASN A 320 -23.67 9.55 5.63
C ASN A 320 -23.32 8.76 4.37
N VAL A 321 -22.63 9.43 3.45
CA VAL A 321 -22.38 8.85 2.14
C VAL A 321 -21.42 7.67 2.21
N SER A 322 -20.52 7.67 3.20
CA SER A 322 -19.60 6.54 3.34
CA SER A 322 -19.59 6.54 3.36
C SER A 322 -20.36 5.27 3.70
N TYR A 323 -21.41 5.37 4.51
CA TYR A 323 -22.22 4.21 4.87
C TYR A 323 -22.93 3.66 3.65
N VAL A 324 -23.43 4.56 2.81
CA VAL A 324 -24.08 4.12 1.59
C VAL A 324 -23.09 3.47 0.63
N LEU A 325 -21.96 4.11 0.40
CA LEU A 325 -20.93 3.56 -0.50
C LEU A 325 -20.45 2.20 0.02
N ASP A 326 -20.24 2.07 1.33
CA ASP A 326 -19.85 0.78 1.92
C ASP A 326 -20.80 -0.34 1.50
N VAL A 327 -22.10 -0.05 1.55
CA VAL A 327 -23.11 -1.03 1.20
C VAL A 327 -23.05 -1.35 -0.29
N LEU A 328 -22.99 -0.33 -1.12
CA LEU A 328 -23.00 -0.54 -2.58
C LEU A 328 -21.76 -1.33 -3.03
N ASN A 329 -20.65 -1.07 -2.36
CA ASN A 329 -19.39 -1.80 -2.62
C ASN A 329 -19.42 -3.26 -2.18
N ALA A 330 -20.13 -3.54 -1.10
CA ALA A 330 -20.33 -4.91 -0.61
C ALA A 330 -21.28 -5.70 -1.52
N LEU A 331 -22.31 -5.05 -2.03
CA LEU A 331 -23.34 -5.71 -2.82
C LEU A 331 -22.84 -6.35 -4.13
N LYS A 332 -21.98 -5.64 -4.85
CA LYS A 332 -21.35 -6.19 -6.06
C LYS A 332 -22.38 -6.87 -6.97
N CYS A 333 -23.52 -6.23 -7.19
CA CYS A 333 -24.58 -6.81 -7.99
C CYS A 333 -25.05 -5.85 -9.07
N GLU A 334 -25.92 -6.33 -9.95
CA GLU A 334 -26.38 -5.54 -11.08
C GLU A 334 -27.31 -4.41 -10.65
N ASN A 335 -28.33 -4.76 -9.88
CA ASN A 335 -29.32 -3.78 -9.41
C ASN A 335 -29.54 -3.79 -7.90
N VAL A 336 -29.87 -2.63 -7.37
CA VAL A 336 -30.06 -2.43 -5.94
C VAL A 336 -31.50 -2.01 -5.68
N ARG A 337 -32.04 -2.47 -4.56
CA ARG A 337 -33.34 -2.05 -4.08
C ARG A 337 -33.15 -1.30 -2.77
N MET A 338 -33.66 -0.08 -2.72
CA MET A 338 -33.69 0.71 -1.47
C MET A 338 -35.13 0.84 -1.00
N MET A 339 -35.35 0.53 0.28
CA MET A 339 -36.69 0.50 0.82
C MET A 339 -36.79 1.58 1.89
N LEU A 340 -37.65 2.56 1.65
CA LEU A 340 -37.74 3.76 2.47
C LEU A 340 -39.07 3.86 3.19
N THR A 341 -39.09 4.67 4.23
CA THR A 341 -40.28 4.89 5.04
C THR A 341 -40.59 6.39 5.04
N ASP A 342 -39.70 7.17 5.65
CA ASP A 342 -39.85 8.63 5.71
C ASP A 342 -38.50 9.28 6.06
N SER A 343 -38.47 10.60 6.21
CA SER A 343 -37.19 11.32 6.34
C SER A 343 -36.47 11.12 7.68
N VAL A 344 -37.14 10.51 8.66
CA VAL A 344 -36.56 10.33 9.99
CA VAL A 344 -36.54 10.33 9.99
C VAL A 344 -36.37 8.84 10.34
N SER A 345 -36.50 7.98 9.33
CA SER A 345 -36.39 6.54 9.54
C SER A 345 -35.32 5.91 8.65
N SER A 346 -34.81 4.75 9.06
CA SER A 346 -33.73 4.08 8.34
C SER A 346 -34.16 3.64 6.96
N VAL A 347 -33.18 3.42 6.09
CA VAL A 347 -33.39 2.81 4.78
C VAL A 347 -32.88 1.39 4.87
N GLN A 348 -33.57 0.48 4.17
CA GLN A 348 -33.07 -0.88 3.99
C GLN A 348 -32.67 -1.03 2.55
N ILE A 349 -31.47 -1.57 2.34
CA ILE A 349 -30.90 -1.73 1.02
C ILE A 349 -30.58 -3.20 0.81
N GLU A 350 -30.89 -3.69 -0.39
CA GLU A 350 -30.69 -5.08 -0.74
C GLU A 350 -30.27 -5.18 -2.20
N ASP A 351 -29.62 -6.28 -2.54
CA ASP A 351 -29.48 -6.67 -3.94
C ASP A 351 -30.91 -6.82 -4.46
N ALA A 352 -31.21 -6.24 -5.61
CA ALA A 352 -32.56 -6.34 -6.16
C ALA A 352 -32.93 -7.80 -6.48
N ALA A 353 -31.92 -8.61 -6.72
CA ALA A 353 -32.09 -10.03 -7.05
C ALA A 353 -32.24 -10.98 -5.87
N SER A 354 -31.95 -10.55 -4.65
CA SER A 354 -31.87 -11.51 -3.54
C SER A 354 -32.12 -10.84 -2.20
N GLN A 355 -32.87 -11.52 -1.33
CA GLN A 355 -33.05 -11.07 0.06
C GLN A 355 -32.03 -11.69 1.03
N SER A 356 -31.02 -12.38 0.50
CA SER A 356 -30.04 -13.10 1.34
C SER A 356 -29.19 -12.16 2.20
N ALA A 357 -28.96 -10.94 1.71
CA ALA A 357 -28.26 -9.94 2.51
C ALA A 357 -29.14 -8.69 2.62
N ALA A 358 -29.15 -8.05 3.79
CA ALA A 358 -29.90 -6.81 3.98
C ALA A 358 -29.05 -5.83 4.76
N TYR A 359 -29.23 -4.55 4.46
CA TYR A 359 -28.42 -3.47 5.03
C TYR A 359 -29.33 -2.36 5.51
N VAL A 360 -29.13 -1.90 6.75
CA VAL A 360 -29.96 -0.85 7.36
C VAL A 360 -29.04 0.31 7.73
N VAL A 361 -29.37 1.49 7.21
CA VAL A 361 -28.58 2.68 7.45
C VAL A 361 -29.48 3.75 8.05
N MET A 362 -29.08 4.30 9.19
CA MET A 362 -29.88 5.33 9.86
C MET A 362 -29.72 6.64 9.09
N PRO A 363 -30.77 7.48 9.11
CA PRO A 363 -30.62 8.76 8.44
C PRO A 363 -29.79 9.72 9.27
N MET A 364 -29.36 10.80 8.62
CA MET A 364 -28.52 11.80 9.25
C MET A 364 -29.26 13.15 9.17
N ARG A 365 -29.03 14.02 10.14
CA ARG A 365 -29.77 15.29 10.23
C ARG A 365 -29.46 16.26 9.09
N MET B 1 -14.45 32.80 -18.81
CA MET B 1 -13.75 31.54 -19.17
C MET B 1 -14.79 30.43 -19.31
N LYS B 2 -14.74 29.74 -20.45
CA LYS B 2 -15.63 28.62 -20.70
C LYS B 2 -14.94 27.67 -21.67
N PHE B 3 -15.15 26.37 -21.47
CA PHE B 3 -14.67 25.36 -22.42
C PHE B 3 -15.42 24.05 -22.21
N THR B 4 -15.37 23.21 -23.24
CA THR B 4 -15.87 21.86 -23.13
C THR B 4 -14.74 20.96 -23.62
N VAL B 5 -14.47 19.88 -22.90
CA VAL B 5 -13.38 18.97 -23.26
C VAL B 5 -13.71 17.54 -22.83
N GLU B 6 -13.20 16.57 -23.57
CA GLU B 6 -13.34 15.17 -23.18
C GLU B 6 -12.57 14.89 -21.91
N ARG B 7 -13.21 14.19 -20.97
CA ARG B 7 -12.55 13.69 -19.78
C ARG B 7 -11.19 13.06 -20.11
N GLU B 8 -11.18 12.22 -21.15
CA GLU B 8 -9.98 11.49 -21.55
C GLU B 8 -8.75 12.40 -21.77
N HIS B 9 -8.97 13.63 -22.25
CA HIS B 9 -7.86 14.55 -22.54
C HIS B 9 -7.37 15.31 -21.30
N LEU B 10 -8.16 15.32 -20.23
CA LEU B 10 -7.77 15.99 -18.98
C LEU B 10 -7.06 15.08 -17.99
N LEU B 11 -7.27 13.78 -18.11
CA LEU B 11 -6.83 12.84 -17.07
C LEU B 11 -5.34 12.89 -16.74
N LYS B 12 -4.49 12.67 -17.74
CA LYS B 12 -3.04 12.71 -17.50
C LYS B 12 -2.55 14.10 -17.09
N PRO B 13 -2.98 15.16 -17.81
CA PRO B 13 -2.67 16.53 -17.35
C PRO B 13 -2.99 16.79 -15.87
N LEU B 14 -4.18 16.43 -15.42
CA LEU B 14 -4.57 16.65 -14.03
C LEU B 14 -3.70 15.87 -13.06
N GLN B 15 -3.39 14.64 -13.42
CA GLN B 15 -2.47 13.80 -12.66
C GLN B 15 -1.09 14.45 -12.50
N GLN B 16 -0.58 15.01 -13.59
CA GLN B 16 0.75 15.62 -13.57
C GLN B 16 0.80 16.92 -12.77
N VAL B 17 -0.18 17.80 -12.98
CA VAL B 17 -0.16 19.11 -12.31
C VAL B 17 -0.58 19.05 -10.83
N SER B 18 -1.24 17.97 -10.44
CA SER B 18 -1.67 17.79 -9.04
C SER B 18 -0.51 17.51 -8.06
N GLY B 19 0.57 16.90 -8.52
CA GLY B 19 1.82 16.84 -7.73
C GLY B 19 2.80 17.64 -8.56
N PRO B 20 3.26 18.84 -8.09
CA PRO B 20 3.70 19.47 -6.81
C PRO B 20 2.82 19.61 -5.54
N LEU B 21 1.51 19.45 -5.61
CA LEU B 21 0.68 19.71 -4.43
C LEU B 21 0.76 18.59 -3.40
N PRO B 28 -2.61 29.25 0.90
CA PRO B 28 -3.67 28.31 0.62
C PRO B 28 -3.88 28.02 -0.87
N ILE B 29 -3.56 29.01 -1.72
CA ILE B 29 -3.79 28.87 -3.18
C ILE B 29 -2.88 27.81 -3.82
N LEU B 30 -1.85 27.37 -3.09
CA LEU B 30 -1.01 26.26 -3.53
C LEU B 30 -1.74 24.91 -3.61
N GLY B 31 -2.92 24.84 -3.01
CA GLY B 31 -3.76 23.65 -3.10
C GLY B 31 -4.67 23.72 -4.32
N ASN B 32 -4.60 24.83 -5.04
CA ASN B 32 -5.40 25.04 -6.25
C ASN B 32 -4.58 24.83 -7.52
N LEU B 33 -5.30 24.52 -8.60
CA LEU B 33 -4.77 24.53 -9.95
C LEU B 33 -5.17 25.81 -10.66
N LEU B 34 -4.23 26.36 -11.42
CA LEU B 34 -4.51 27.49 -12.28
C LEU B 34 -5.02 26.94 -13.60
N LEU B 35 -6.21 27.37 -14.00
CA LEU B 35 -6.75 27.11 -15.33
C LEU B 35 -6.76 28.39 -16.16
N GLN B 36 -6.25 28.30 -17.40
CA GLN B 36 -6.18 29.42 -18.32
C GLN B 36 -6.60 28.97 -19.71
N VAL B 37 -7.62 29.60 -20.26
CA VAL B 37 -7.98 29.42 -21.65
C VAL B 37 -7.41 30.57 -22.48
N ALA B 38 -6.58 30.24 -23.46
CA ALA B 38 -6.01 31.22 -24.38
C ALA B 38 -5.49 30.51 -25.61
N ASP B 39 -5.55 31.18 -26.76
CA ASP B 39 -5.05 30.66 -28.04
C ASP B 39 -5.49 29.22 -28.33
N GLY B 40 -6.75 28.91 -28.07
CA GLY B 40 -7.31 27.59 -28.36
C GLY B 40 -6.73 26.49 -27.50
N THR B 41 -6.19 26.87 -26.34
CA THR B 41 -5.53 25.93 -25.44
C THR B 41 -6.04 26.13 -24.01
N LEU B 42 -6.21 25.02 -23.31
CA LEU B 42 -6.38 25.04 -21.87
C LEU B 42 -5.02 24.70 -21.28
N SER B 43 -4.56 25.56 -20.37
CA SER B 43 -3.35 25.31 -19.63
C SER B 43 -3.71 25.09 -18.19
N LEU B 44 -3.09 24.07 -17.59
CA LEU B 44 -3.30 23.76 -16.19
C LEU B 44 -1.96 23.88 -15.49
N THR B 45 -1.91 24.62 -14.38
CA THR B 45 -0.67 24.77 -13.62
C THR B 45 -0.83 24.44 -12.13
N GLY B 46 0.13 23.68 -11.60
CA GLY B 46 0.25 23.43 -10.16
C GLY B 46 1.61 23.88 -9.69
N THR B 47 1.69 24.40 -8.47
CA THR B 47 2.97 24.86 -7.94
C THR B 47 3.06 24.71 -6.43
N ASP B 48 4.28 24.63 -5.93
CA ASP B 48 4.56 24.73 -4.50
C ASP B 48 5.52 25.89 -4.18
N LEU B 49 5.58 26.87 -5.09
CA LEU B 49 6.52 28.00 -5.01
C LEU B 49 7.95 27.70 -5.44
N GLU B 50 8.43 26.48 -5.20
CA GLU B 50 9.80 26.07 -5.58
C GLU B 50 9.82 25.48 -6.98
N MET B 51 8.73 24.83 -7.36
CA MET B 51 8.60 24.26 -8.68
C MET B 51 7.17 24.39 -9.19
N GLU B 52 7.02 24.14 -10.47
CA GLU B 52 5.75 24.32 -11.13
C GLU B 52 5.64 23.31 -12.26
N MET B 53 4.44 22.77 -12.46
CA MET B 53 4.16 21.88 -13.59
C MET B 53 3.02 22.49 -14.42
N VAL B 54 3.23 22.59 -15.72
CA VAL B 54 2.24 23.14 -16.64
C VAL B 54 1.87 22.07 -17.65
N ALA B 55 0.57 21.93 -17.92
CA ALA B 55 0.09 21.00 -18.93
C ALA B 55 -0.87 21.73 -19.85
N ARG B 56 -0.82 21.40 -21.13
CA ARG B 56 -1.67 22.07 -22.10
C ARG B 56 -2.56 21.05 -22.80
N VAL B 57 -3.77 21.50 -23.13
CA VAL B 57 -4.79 20.67 -23.77
C VAL B 57 -5.41 21.50 -24.85
N ALA B 58 -5.48 20.98 -26.08
CA ALA B 58 -6.12 21.72 -27.18
C ALA B 58 -7.63 21.68 -27.00
N LEU B 59 -8.27 22.81 -27.32
CA LEU B 59 -9.71 22.94 -27.26
C LEU B 59 -10.31 23.09 -28.66
N VAL B 60 -11.16 22.16 -29.06
CA VAL B 60 -11.84 22.28 -30.35
C VAL B 60 -13.21 22.87 -30.22
N GLN B 61 -13.91 22.50 -29.15
CA GLN B 61 -15.29 22.90 -28.99
C GLN B 61 -15.28 24.41 -28.69
N PRO B 62 -16.40 25.11 -28.95
CA PRO B 62 -16.45 26.52 -28.59
C PRO B 62 -15.90 26.77 -27.19
N HIS B 63 -15.15 27.85 -27.03
CA HIS B 63 -14.53 28.19 -25.75
C HIS B 63 -14.41 29.70 -25.63
N GLU B 64 -14.23 30.18 -24.41
CA GLU B 64 -14.08 31.59 -24.14
C GLU B 64 -12.83 31.77 -23.29
N PRO B 65 -11.94 32.71 -23.66
CA PRO B 65 -10.70 32.96 -22.90
C PRO B 65 -10.95 33.40 -21.47
N GLY B 66 -9.99 33.13 -20.60
CA GLY B 66 -10.09 33.54 -19.22
C GLY B 66 -9.29 32.65 -18.30
N ALA B 67 -9.26 32.98 -17.03
CA ALA B 67 -8.53 32.17 -16.07
C ALA B 67 -9.14 32.21 -14.67
N THR B 68 -8.99 31.11 -13.93
CA THR B 68 -9.36 31.06 -12.53
C THR B 68 -8.49 30.00 -11.84
N THR B 69 -8.60 29.86 -10.53
CA THR B 69 -7.98 28.75 -9.83
C THR B 69 -9.05 27.98 -9.08
N VAL B 70 -8.91 26.66 -9.03
CA VAL B 70 -9.85 25.80 -8.29
C VAL B 70 -9.10 24.75 -7.47
N PRO B 71 -9.74 24.20 -6.43
CA PRO B 71 -9.11 23.15 -5.62
C PRO B 71 -8.71 22.00 -6.50
N ALA B 72 -7.45 21.60 -6.41
CA ALA B 72 -6.89 20.62 -7.33
C ALA B 72 -7.50 19.23 -7.10
N ARG B 73 -7.51 18.78 -5.85
CA ARG B 73 -7.97 17.44 -5.55
C ARG B 73 -9.46 17.31 -5.87
N LYS B 74 -10.26 18.29 -5.44
CA LYS B 74 -11.69 18.27 -5.78
C LYS B 74 -11.93 18.18 -7.28
N PHE B 75 -11.26 19.04 -8.04
CA PHE B 75 -11.47 19.07 -9.48
C PHE B 75 -10.99 17.76 -10.12
N PHE B 76 -9.84 17.28 -9.67
CA PHE B 76 -9.30 16.02 -10.22
C PHE B 76 -10.22 14.85 -9.95
N ASP B 77 -10.67 14.76 -8.69
CA ASP B 77 -11.54 13.67 -8.27
C ASP B 77 -12.88 13.70 -9.02
N ILE B 78 -13.42 14.89 -9.28
CA ILE B 78 -14.65 15.02 -10.07
C ILE B 78 -14.41 14.47 -11.46
N CYS B 79 -13.37 14.94 -12.14
CA CYS B 79 -13.10 14.49 -13.52
C CYS B 79 -12.87 12.97 -13.61
N ARG B 80 -12.08 12.44 -12.68
CA ARG B 80 -11.75 11.03 -12.64
C ARG B 80 -12.98 10.19 -12.32
N GLY B 81 -13.88 10.75 -11.52
CA GLY B 81 -15.07 10.05 -11.08
C GLY B 81 -16.18 9.99 -12.10
N LEU B 82 -16.10 10.82 -13.14
CA LEU B 82 -17.06 10.79 -14.22
C LEU B 82 -16.81 9.56 -15.10
N PRO B 83 -17.83 9.12 -15.85
CA PRO B 83 -17.67 7.89 -16.64
C PRO B 83 -16.69 8.02 -17.81
N GLU B 84 -16.09 6.90 -18.21
CA GLU B 84 -15.30 6.86 -19.45
C GLU B 84 -16.13 7.43 -20.58
N GLY B 85 -15.52 8.29 -21.38
CA GLY B 85 -16.18 8.94 -22.48
C GLY B 85 -16.88 10.26 -22.17
N ALA B 86 -16.93 10.65 -20.89
CA ALA B 86 -17.65 11.87 -20.50
C ALA B 86 -17.07 13.11 -21.16
N GLU B 87 -17.95 14.05 -21.50
CA GLU B 87 -17.56 15.38 -21.93
C GLU B 87 -17.74 16.29 -20.74
N ILE B 88 -16.78 17.17 -20.50
CA ILE B 88 -16.82 18.04 -19.34
C ILE B 88 -16.88 19.49 -19.76
N ALA B 89 -18.00 20.13 -19.40
CA ALA B 89 -18.26 21.53 -19.68
C ALA B 89 -17.95 22.38 -18.44
N VAL B 90 -17.17 23.43 -18.63
CA VAL B 90 -16.75 24.31 -17.54
C VAL B 90 -17.14 25.74 -17.87
N GLN B 91 -17.59 26.46 -16.85
CA GLN B 91 -18.16 27.77 -16.99
C GLN B 91 -17.82 28.53 -15.71
N LEU B 92 -17.08 29.63 -15.86
CA LEU B 92 -16.67 30.42 -14.71
C LEU B 92 -17.80 31.38 -14.41
N GLU B 93 -18.22 31.46 -13.15
CA GLU B 93 -19.28 32.39 -12.78
C GLU B 93 -18.92 33.06 -11.44
N GLY B 94 -17.97 33.99 -11.53
CA GLY B 94 -17.54 34.78 -10.37
C GLY B 94 -16.76 33.95 -9.37
N GLU B 95 -17.32 33.82 -8.17
CA GLU B 95 -16.64 33.10 -7.10
C GLU B 95 -16.79 31.59 -7.24
N ARG B 96 -17.53 31.14 -8.25
CA ARG B 96 -17.70 29.72 -8.47
C ARG B 96 -17.34 29.31 -9.89
N MET B 97 -16.82 28.10 -10.02
CA MET B 97 -16.64 27.48 -11.33
C MET B 97 -17.57 26.31 -11.43
N LEU B 98 -18.40 26.33 -12.47
CA LEU B 98 -19.40 25.33 -12.73
C LEU B 98 -18.79 24.25 -13.61
N VAL B 99 -19.04 22.99 -13.24
CA VAL B 99 -18.58 21.85 -14.00
C VAL B 99 -19.81 21.00 -14.26
N ARG B 100 -20.02 20.62 -15.51
CA ARG B 100 -21.18 19.83 -15.86
C ARG B 100 -20.80 18.73 -16.82
N SER B 101 -21.35 17.56 -16.60
CA SER B 101 -21.18 16.45 -17.50
C SER B 101 -22.40 15.56 -17.37
N GLY B 102 -23.12 15.36 -18.48
CA GLY B 102 -24.46 14.74 -18.42
C GLY B 102 -25.35 15.44 -17.41
N ARG B 103 -25.87 14.69 -16.45
CA ARG B 103 -26.68 15.27 -15.40
C ARG B 103 -25.95 15.24 -14.05
N SER B 104 -24.64 15.45 -14.12
CA SER B 104 -23.78 15.62 -12.97
C SER B 104 -23.33 17.08 -12.98
N ARG B 105 -23.57 17.79 -11.89
CA ARG B 105 -23.24 19.22 -11.82
C ARG B 105 -22.49 19.53 -10.56
N PHE B 106 -21.47 20.39 -10.66
CA PHE B 106 -20.64 20.77 -9.53
C PHE B 106 -20.36 22.26 -9.58
N SER B 107 -20.35 22.86 -8.39
CA SER B 107 -19.97 24.25 -8.23
C SER B 107 -18.77 24.26 -7.29
N LEU B 108 -17.62 24.73 -7.77
CA LEU B 108 -16.41 24.77 -6.95
C LEU B 108 -16.05 26.21 -6.62
N SER B 109 -15.53 26.42 -5.42
CA SER B 109 -15.08 27.75 -5.01
CA SER B 109 -15.08 27.74 -5.00
C SER B 109 -13.80 28.10 -5.79
N THR B 110 -13.65 29.36 -6.15
CA THR B 110 -12.48 29.80 -6.91
C THR B 110 -11.67 30.79 -6.11
N LEU B 111 -10.36 30.86 -6.41
CA LEU B 111 -9.55 32.00 -6.04
C LEU B 111 -9.01 32.63 -7.33
N PRO B 112 -8.78 33.95 -7.33
CA PRO B 112 -8.40 34.61 -8.59
C PRO B 112 -7.07 34.13 -9.18
N ALA B 113 -7.04 34.01 -10.51
CA ALA B 113 -5.82 33.67 -11.24
C ALA B 113 -4.69 34.69 -10.94
N ALA B 114 -5.06 35.95 -10.78
CA ALA B 114 -4.10 37.01 -10.45
C ALA B 114 -3.37 36.78 -9.13
N ASP B 115 -3.99 36.03 -8.22
CA ASP B 115 -3.36 35.69 -6.94
C ASP B 115 -2.41 34.49 -7.03
N PHE B 116 -2.45 33.75 -8.14
CA PHE B 116 -1.67 32.52 -8.27
C PHE B 116 -0.17 32.79 -8.42
N PRO B 117 0.66 32.18 -7.57
CA PRO B 117 2.10 32.42 -7.62
C PRO B 117 2.69 32.11 -8.99
N ASN B 118 3.58 32.98 -9.44
CA ASN B 118 4.23 32.86 -10.73
C ASN B 118 5.72 32.81 -10.48
N LEU B 119 6.39 31.74 -10.91
CA LEU B 119 7.86 31.73 -10.88
C LEU B 119 8.36 32.94 -11.67
N ASP B 120 9.23 33.73 -11.07
CA ASP B 120 9.76 34.92 -11.72
C ASP B 120 10.44 34.55 -13.03
N ASP B 121 10.39 35.45 -14.00
CA ASP B 121 11.04 35.20 -15.28
C ASP B 121 12.54 35.00 -15.05
N TRP B 122 13.14 34.16 -15.86
CA TRP B 122 14.56 33.85 -15.75
C TRP B 122 15.11 33.58 -17.14
N GLN B 123 16.41 33.37 -17.22
CA GLN B 123 17.08 33.25 -18.50
C GLN B 123 17.84 31.91 -18.58
N SER B 124 17.68 31.22 -19.70
CA SER B 124 18.35 29.97 -19.95
C SER B 124 19.82 30.24 -20.32
N GLU B 125 20.72 29.41 -19.80
CA GLU B 125 22.15 29.52 -20.06
C GLU B 125 22.75 28.30 -20.78
N VAL B 126 22.19 27.12 -20.54
CA VAL B 126 22.58 25.92 -21.27
CA VAL B 126 22.59 25.88 -21.18
C VAL B 126 21.33 25.15 -21.64
N GLU B 127 21.34 24.63 -22.87
CA GLU B 127 20.20 23.92 -23.41
C GLU B 127 20.62 22.69 -24.19
N PHE B 128 19.83 21.63 -24.08
CA PHE B 128 20.03 20.44 -24.89
C PHE B 128 18.77 19.60 -24.93
N THR B 129 18.70 18.72 -25.91
CA THR B 129 17.62 17.77 -26.04
C THR B 129 18.18 16.36 -25.86
N LEU B 130 17.43 15.51 -25.17
CA LEU B 130 17.81 14.12 -25.03
C LEU B 130 16.55 13.30 -24.90
N PRO B 131 16.62 12.00 -25.20
CA PRO B 131 15.42 11.17 -25.05
C PRO B 131 14.98 11.15 -23.60
N GLN B 132 13.69 11.26 -23.34
CA GLN B 132 13.21 11.21 -21.95
C GLN B 132 13.70 9.92 -21.24
N ALA B 133 13.82 8.82 -21.98
CA ALA B 133 14.32 7.57 -21.41
C ALA B 133 15.72 7.70 -20.79
N THR B 134 16.58 8.49 -21.42
CA THR B 134 17.93 8.77 -20.91
C THR B 134 17.87 9.56 -19.60
N MET B 135 17.05 10.60 -19.55
CA MET B 135 16.85 11.35 -18.31
C MET B 135 16.31 10.46 -17.18
N LYS B 136 15.37 9.58 -17.53
CA LYS B 136 14.77 8.69 -16.54
C LYS B 136 15.80 7.72 -15.97
N ARG B 137 16.62 7.12 -16.85
CA ARG B 137 17.75 6.29 -16.48
C ARG B 137 18.73 7.00 -15.51
N LEU B 138 19.13 8.22 -15.87
CA LEU B 138 20.05 9.00 -15.05
C LEU B 138 19.52 9.24 -13.64
N ILE B 139 18.24 9.57 -13.54
CA ILE B 139 17.66 9.87 -12.22
C ILE B 139 17.44 8.58 -11.42
N GLU B 140 16.93 7.53 -12.07
CA GLU B 140 16.70 6.24 -11.38
C GLU B 140 18.00 5.63 -10.85
N ALA B 141 19.08 5.82 -11.61
CA ALA B 141 20.39 5.31 -11.24
C ALA B 141 20.93 5.93 -9.93
N THR B 142 20.49 7.13 -9.60
CA THR B 142 21.14 7.91 -8.54
C THR B 142 20.24 8.48 -7.45
N GLN B 143 18.94 8.61 -7.69
CA GLN B 143 18.08 9.39 -6.77
C GLN B 143 18.02 8.88 -5.33
N PHE B 144 18.13 7.57 -5.15
CA PHE B 144 18.07 6.97 -3.80
C PHE B 144 19.20 7.44 -2.88
N SER B 145 20.28 7.96 -3.45
CA SER B 145 21.43 8.45 -2.67
C SER B 145 21.34 9.93 -2.29
N MET B 146 20.27 10.61 -2.70
CA MET B 146 20.06 11.98 -2.23
C MET B 146 19.81 12.02 -0.72
N ALA B 147 20.31 13.07 -0.07
CA ALA B 147 19.94 13.30 1.33
C ALA B 147 18.48 13.75 1.43
N HIS B 148 17.91 13.55 2.63
CA HIS B 148 16.57 13.99 3.03
C HIS B 148 16.71 14.95 4.22
N GLN B 149 16.40 16.23 4.03
CA GLN B 149 16.40 17.22 5.12
C GLN B 149 17.72 17.35 5.90
N ASP B 150 18.85 17.15 5.23
CA ASP B 150 20.17 17.38 5.83
C ASP B 150 20.36 18.88 6.06
N VAL B 151 21.08 19.24 7.11
CA VAL B 151 21.49 20.64 7.33
C VAL B 151 22.44 21.11 6.22
N ARG B 152 23.14 20.17 5.57
CA ARG B 152 23.82 20.46 4.31
C ARG B 152 22.75 20.46 3.22
N TYR B 153 22.09 21.61 3.11
CA TYR B 153 20.93 21.79 2.22
C TYR B 153 21.21 21.47 0.75
N TYR B 154 22.47 21.67 0.33
CA TYR B 154 22.91 21.37 -1.04
C TYR B 154 22.94 19.86 -1.36
N LEU B 155 22.80 19.01 -0.34
CA LEU B 155 22.75 17.55 -0.56
C LEU B 155 21.33 17.01 -0.69
N ASN B 156 20.33 17.85 -0.39
CA ASN B 156 18.91 17.47 -0.48
C ASN B 156 18.43 17.70 -1.91
N GLY B 157 19.08 17.02 -2.82
CA GLY B 157 18.86 17.24 -4.24
C GLY B 157 19.88 16.48 -5.03
N MET B 158 19.97 16.80 -6.32
CA MET B 158 20.80 16.05 -7.25
C MET B 158 21.58 17.00 -8.15
N LEU B 159 22.86 16.73 -8.33
CA LEU B 159 23.68 17.49 -9.27
C LEU B 159 23.38 16.99 -10.69
N PHE B 160 23.12 17.95 -11.58
CA PHE B 160 23.07 17.72 -13.01
C PHE B 160 24.26 18.42 -13.62
N GLU B 161 25.13 17.66 -14.27
CA GLU B 161 26.37 18.17 -14.80
C GLU B 161 26.49 17.85 -16.27
N THR B 162 26.85 18.86 -17.05
CA THR B 162 27.19 18.66 -18.45
C THR B 162 28.70 18.71 -18.56
N GLU B 163 29.26 17.72 -19.25
CA GLU B 163 30.69 17.69 -19.56
C GLU B 163 30.93 16.97 -20.89
N GLY B 164 31.58 17.64 -21.83
CA GLY B 164 31.84 17.06 -23.14
C GLY B 164 30.53 16.72 -23.81
N GLU B 165 30.30 15.44 -24.10
CA GLU B 165 29.06 15.01 -24.75
C GLU B 165 28.12 14.28 -23.79
N GLU B 166 28.39 14.37 -22.50
CA GLU B 166 27.65 13.61 -21.50
C GLU B 166 26.82 14.52 -20.61
N LEU B 167 25.67 14.01 -20.20
CA LEU B 167 24.96 14.52 -19.06
C LEU B 167 25.19 13.55 -17.92
N ARG B 168 25.52 14.09 -16.76
N ARG B 168 25.51 14.10 -16.76
CA ARG B 168 25.82 13.30 -15.58
CA ARG B 168 25.83 13.32 -15.59
C ARG B 168 24.97 13.74 -14.40
C ARG B 168 24.95 13.75 -14.41
N THR B 169 24.46 12.77 -13.65
CA THR B 169 23.82 13.03 -12.36
C THR B 169 24.70 12.50 -11.22
N VAL B 170 24.73 13.22 -10.11
CA VAL B 170 25.43 12.82 -8.87
C VAL B 170 24.48 13.06 -7.69
N ALA B 171 24.37 12.09 -6.78
CA ALA B 171 23.61 12.24 -5.54
C ALA B 171 24.43 11.67 -4.39
N THR B 172 24.42 12.37 -3.26
CA THR B 172 25.11 11.90 -2.08
C THR B 172 24.46 12.47 -0.81
N ASP B 173 24.51 11.68 0.26
CA ASP B 173 24.02 12.10 1.56
C ASP B 173 25.17 12.16 2.57
N GLY B 174 26.40 12.10 2.09
CA GLY B 174 27.59 12.14 2.93
C GLY B 174 28.13 10.78 3.33
N HIS B 175 27.31 9.75 3.17
CA HIS B 175 27.62 8.37 3.54
C HIS B 175 27.73 7.44 2.35
N ARG B 176 26.91 7.71 1.34
CA ARG B 176 27.00 6.98 0.07
C ARG B 176 26.75 7.93 -1.08
N LEU B 177 27.33 7.60 -2.23
CA LEU B 177 27.26 8.41 -3.42
C LEU B 177 26.88 7.55 -4.60
N ALA B 178 26.07 8.11 -5.49
CA ALA B 178 25.74 7.49 -6.78
C ALA B 178 26.08 8.50 -7.90
N VAL B 179 26.69 7.99 -8.97
CA VAL B 179 26.99 8.79 -10.14
C VAL B 179 26.70 8.00 -11.41
N CYS B 180 26.07 8.66 -12.36
CA CYS B 180 25.72 8.06 -13.64
C CYS B 180 25.89 9.08 -14.76
N SER B 181 26.46 8.65 -15.89
CA SER B 181 26.71 9.54 -17.03
C SER B 181 26.16 8.86 -18.29
N MET B 182 25.51 9.64 -19.14
CA MET B 182 24.95 9.14 -20.41
C MET B 182 25.37 10.05 -21.56
N PRO B 183 25.60 9.46 -22.74
CA PRO B 183 25.94 10.28 -23.91
C PRO B 183 24.69 10.93 -24.49
N ILE B 184 24.78 12.19 -24.89
CA ILE B 184 23.65 12.82 -25.57
C ILE B 184 23.95 13.36 -26.97
N GLY B 185 25.11 13.02 -27.51
CA GLY B 185 25.38 13.23 -28.94
C GLY B 185 25.68 14.65 -29.39
N GLN B 186 26.02 15.53 -28.45
CA GLN B 186 26.38 16.89 -28.80
C GLN B 186 27.34 17.42 -27.76
N SER B 187 28.27 18.28 -28.18
CA SER B 187 29.27 18.84 -27.29
C SER B 187 28.63 19.93 -26.45
N LEU B 188 28.85 19.87 -25.14
CA LEU B 188 28.18 20.74 -24.17
C LEU B 188 29.20 21.54 -23.42
N PRO B 189 28.83 22.75 -22.97
CA PRO B 189 29.70 23.47 -22.06
C PRO B 189 29.77 22.78 -20.70
N SER B 190 30.87 23.00 -19.99
CA SER B 190 31.07 22.41 -18.67
C SER B 190 30.26 23.20 -17.66
N HIS B 191 29.33 22.52 -16.99
CA HIS B 191 28.36 23.21 -16.16
C HIS B 191 27.68 22.25 -15.20
N SER B 192 27.38 22.74 -14.00
CA SER B 192 26.74 21.93 -12.96
CA SER B 192 26.66 21.93 -13.02
C SER B 192 25.76 22.75 -12.13
N VAL B 193 24.59 22.17 -11.82
CA VAL B 193 23.57 22.76 -10.96
C VAL B 193 22.95 21.70 -10.08
N ILE B 194 22.40 22.13 -8.94
CA ILE B 194 21.74 21.24 -7.99
C ILE B 194 20.22 21.42 -8.06
N VAL B 195 19.53 20.32 -8.38
CA VAL B 195 18.09 20.33 -8.45
C VAL B 195 17.57 19.80 -7.10
N PRO B 196 16.64 20.53 -6.46
CA PRO B 196 16.09 20.06 -5.18
C PRO B 196 15.40 18.72 -5.32
N ARG B 197 15.49 17.92 -4.26
CA ARG B 197 15.04 16.54 -4.26
C ARG B 197 13.57 16.40 -4.66
N LYS B 198 12.71 17.28 -4.15
CA LYS B 198 11.29 17.23 -4.54
C LYS B 198 11.13 17.50 -6.04
N GLY B 199 11.96 18.39 -6.59
CA GLY B 199 12.01 18.65 -8.03
C GLY B 199 12.45 17.45 -8.84
N VAL B 200 13.44 16.74 -8.33
CA VAL B 200 13.93 15.54 -8.97
C VAL B 200 12.82 14.50 -9.05
N ILE B 201 12.15 14.28 -7.92
CA ILE B 201 11.09 13.27 -7.84
C ILE B 201 9.92 13.62 -8.77
N GLU B 202 9.51 14.89 -8.79
CA GLU B 202 8.46 15.35 -9.73
C GLU B 202 8.89 15.19 -11.18
N LEU B 203 10.12 15.58 -11.50
CA LEU B 203 10.64 15.40 -12.84
C LEU B 203 10.56 13.93 -13.24
N MET B 204 11.06 13.06 -12.36
CA MET B 204 11.04 11.61 -12.59
CA MET B 204 11.03 11.63 -12.61
C MET B 204 9.61 11.15 -12.91
N ARG B 205 8.65 11.62 -12.12
CA ARG B 205 7.26 11.25 -12.35
C ARG B 205 6.63 11.81 -13.62
N MET B 206 7.23 12.86 -14.20
CA MET B 206 6.73 13.42 -15.46
C MET B 206 7.06 12.52 -16.64
N LEU B 207 8.10 11.69 -16.49
CA LEU B 207 8.64 10.93 -17.62
C LEU B 207 8.08 9.51 -17.62
N ASP B 208 7.39 9.13 -18.71
CA ASP B 208 6.84 7.78 -18.83
C ASP B 208 7.76 6.93 -19.71
N GLY B 209 7.26 5.79 -20.19
CA GLY B 209 8.08 4.86 -20.96
C GLY B 209 8.29 5.22 -22.43
N GLY B 210 7.57 6.23 -22.92
CA GLY B 210 7.57 6.53 -24.35
C GLY B 210 8.90 6.98 -24.93
N ASP B 211 9.05 6.80 -26.25
CA ASP B 211 10.12 7.46 -27.00
C ASP B 211 9.68 8.89 -27.27
N ASN B 212 10.30 9.82 -26.55
CA ASN B 212 9.86 11.22 -26.53
C ASN B 212 11.07 12.11 -26.33
N PRO B 213 11.29 13.08 -27.23
CA PRO B 213 12.33 14.06 -26.96
C PRO B 213 12.01 14.93 -25.72
N LEU B 214 13.02 15.14 -24.90
CA LEU B 214 12.92 15.99 -23.73
C LEU B 214 13.89 17.15 -23.90
N ARG B 215 13.38 18.37 -23.84
CA ARG B 215 14.17 19.58 -23.96
C ARG B 215 14.45 20.13 -22.58
N VAL B 216 15.74 20.32 -22.29
CA VAL B 216 16.20 20.80 -21.01
C VAL B 216 16.83 22.17 -21.18
N GLN B 217 16.47 23.09 -20.29
CA GLN B 217 17.01 24.42 -20.27
C GLN B 217 17.42 24.70 -18.83
N ILE B 218 18.69 25.06 -18.65
CA ILE B 218 19.25 25.33 -17.33
C ILE B 218 19.70 26.78 -17.26
N GLY B 219 19.18 27.52 -16.28
CA GLY B 219 19.62 28.89 -15.99
C GLY B 219 20.48 28.96 -14.74
N SER B 220 20.77 30.18 -14.28
CA SER B 220 21.54 30.35 -13.04
C SER B 220 20.79 29.87 -11.80
N ASN B 221 19.46 30.01 -11.81
CA ASN B 221 18.64 29.72 -10.64
C ASN B 221 17.48 28.78 -10.90
N ASN B 222 17.36 28.27 -12.12
CA ASN B 222 16.22 27.46 -12.50
C ASN B 222 16.60 26.38 -13.48
N ILE B 223 15.78 25.33 -13.49
CA ILE B 223 15.85 24.32 -14.54
C ILE B 223 14.45 24.10 -15.08
N ARG B 224 14.36 23.77 -16.37
CA ARG B 224 13.11 23.51 -17.05
C ARG B 224 13.26 22.32 -17.95
N ALA B 225 12.26 21.44 -17.94
CA ALA B 225 12.20 20.29 -18.84
C ALA B 225 10.86 20.27 -19.55
N HIS B 226 10.90 20.13 -20.88
CA HIS B 226 9.69 20.10 -21.70
C HIS B 226 9.64 18.76 -22.39
N VAL B 227 8.52 18.05 -22.22
CA VAL B 227 8.25 16.82 -22.95
C VAL B 227 6.78 16.76 -23.33
N GLY B 228 6.51 16.43 -24.60
CA GLY B 228 5.15 16.47 -25.11
C GLY B 228 4.52 17.79 -24.76
N ASP B 229 3.37 17.73 -24.08
CA ASP B 229 2.61 18.92 -23.74
C ASP B 229 2.77 19.28 -22.26
N PHE B 230 3.86 18.83 -21.63
CA PHE B 230 4.15 19.15 -20.22
C PHE B 230 5.44 19.95 -20.08
N ILE B 231 5.40 20.97 -19.21
CA ILE B 231 6.60 21.73 -18.90
C ILE B 231 6.77 21.83 -17.40
N PHE B 232 7.90 21.34 -16.93
CA PHE B 232 8.26 21.36 -15.52
C PHE B 232 9.33 22.40 -15.31
N THR B 233 9.19 23.21 -14.26
CA THR B 233 10.19 24.22 -13.91
C THR B 233 10.45 24.16 -12.41
N SER B 234 11.71 24.15 -12.03
CA SER B 234 12.10 24.19 -10.62
C SER B 234 13.18 25.26 -10.36
N LYS B 235 13.14 25.85 -9.19
CA LYS B 235 14.30 26.59 -8.73
C LYS B 235 15.42 25.59 -8.46
N LEU B 236 16.65 26.08 -8.49
CA LEU B 236 17.83 25.29 -8.17
C LEU B 236 18.23 25.52 -6.72
N VAL B 237 19.17 24.71 -6.23
CA VAL B 237 19.70 24.87 -4.87
C VAL B 237 21.04 25.58 -4.97
N ASP B 238 21.18 26.66 -4.22
CA ASP B 238 22.31 27.55 -4.34
C ASP B 238 23.33 27.15 -3.28
N GLY B 239 24.23 26.24 -3.64
CA GLY B 239 25.30 25.80 -2.75
C GLY B 239 26.42 25.15 -3.55
N ARG B 240 27.44 24.65 -2.86
CA ARG B 240 28.56 23.99 -3.52
C ARG B 240 28.51 22.47 -3.29
N PHE B 241 28.36 21.73 -4.38
CA PHE B 241 28.20 20.30 -4.32
C PHE B 241 29.56 19.60 -4.27
N PRO B 242 29.68 18.51 -3.50
CA PRO B 242 30.97 17.82 -3.51
C PRO B 242 31.37 17.25 -4.88
N ASP B 243 32.67 17.12 -5.09
CA ASP B 243 33.24 16.59 -6.33
C ASP B 243 33.32 15.06 -6.27
N TYR B 244 32.54 14.37 -7.09
CA TYR B 244 32.54 12.91 -7.07
C TYR B 244 33.91 12.32 -7.39
N ARG B 245 34.68 13.01 -8.22
CA ARG B 245 36.02 12.54 -8.58
C ARG B 245 36.90 12.33 -7.35
N ARG B 246 36.65 13.10 -6.30
CA ARG B 246 37.44 12.99 -5.06
C ARG B 246 36.88 11.99 -4.05
N VAL B 247 35.68 11.48 -4.35
CA VAL B 247 35.02 10.50 -3.52
C VAL B 247 35.35 9.08 -4.01
N LEU B 248 35.55 8.92 -5.32
CA LEU B 248 35.89 7.60 -5.90
C LEU B 248 37.21 7.11 -5.29
N PRO B 249 37.25 5.83 -4.87
CA PRO B 249 38.54 5.30 -4.39
C PRO B 249 39.65 5.44 -5.41
N LYS B 250 40.79 6.01 -5.02
CA LYS B 250 41.85 6.33 -5.98
C LYS B 250 42.66 5.12 -6.43
N ASN B 251 42.83 4.14 -5.55
CA ASN B 251 43.64 2.96 -5.89
C ASN B 251 43.22 1.68 -5.17
N PRO B 252 42.00 1.20 -5.43
CA PRO B 252 41.60 -0.04 -4.76
C PRO B 252 42.47 -1.23 -5.18
N ASP B 253 42.93 -2.00 -4.20
CA ASP B 253 43.79 -3.17 -4.47
C ASP B 253 43.12 -4.51 -4.19
N LYS B 254 41.84 -4.46 -3.85
CA LYS B 254 41.07 -5.66 -3.54
C LYS B 254 39.81 -5.63 -4.39
N HIS B 255 39.51 -6.73 -5.06
CA HIS B 255 38.41 -6.77 -6.03
C HIS B 255 37.57 -8.02 -5.82
N LEU B 256 36.29 -7.80 -5.59
CA LEU B 256 35.34 -8.87 -5.44
C LEU B 256 34.34 -8.81 -6.57
N GLU B 257 34.01 -9.96 -7.14
CA GLU B 257 32.91 -10.04 -8.08
C GLU B 257 32.00 -11.17 -7.63
N ALA B 258 30.71 -10.93 -7.69
CA ALA B 258 29.70 -11.91 -7.29
C ALA B 258 28.42 -11.65 -8.05
N GLY B 259 27.53 -12.64 -8.06
CA GLY B 259 26.20 -12.45 -8.64
C GLY B 259 25.43 -11.40 -7.87
N CYS B 260 24.80 -10.47 -8.59
CA CYS B 260 24.06 -9.36 -7.97
C CYS B 260 22.96 -9.89 -7.07
N ASP B 261 22.15 -10.81 -7.59
CA ASP B 261 21.04 -11.32 -6.82
C ASP B 261 21.47 -12.22 -5.66
N LEU B 262 22.45 -13.11 -5.87
CA LEU B 262 23.00 -13.89 -4.76
C LEU B 262 23.50 -12.97 -3.66
N LEU B 263 24.25 -11.93 -4.03
CA LEU B 263 24.78 -11.00 -3.06
C LEU B 263 23.63 -10.30 -2.34
N LYS B 264 22.63 -9.87 -3.11
CA LYS B 264 21.48 -9.15 -2.55
C LYS B 264 20.73 -9.99 -1.54
N GLN B 265 20.45 -11.24 -1.89
CA GLN B 265 19.69 -12.12 -1.02
C GLN B 265 20.47 -12.52 0.22
N ALA B 266 21.79 -12.65 0.11
CA ALA B 266 22.65 -12.93 1.27
C ALA B 266 22.66 -11.76 2.24
N PHE B 267 22.80 -10.53 1.72
CA PHE B 267 22.70 -9.33 2.56
C PHE B 267 21.36 -9.26 3.29
N ALA B 268 20.29 -9.48 2.54
CA ALA B 268 18.94 -9.32 3.05
C ALA B 268 18.65 -10.35 4.14
N ARG B 269 19.14 -11.58 3.97
CA ARG B 269 18.92 -12.62 5.02
C ARG B 269 19.72 -12.32 6.28
N ALA B 270 21.00 -11.99 6.11
CA ALA B 270 21.84 -11.73 7.28
C ALA B 270 21.28 -10.57 8.09
N ALA B 271 20.76 -9.56 7.39
CA ALA B 271 20.24 -8.35 8.06
C ALA B 271 19.06 -8.64 9.01
N ILE B 272 18.38 -9.76 8.79
CA ILE B 272 17.27 -10.16 9.65
C ILE B 272 17.73 -10.20 11.11
N LEU B 273 18.95 -10.68 11.35
CA LEU B 273 19.45 -10.80 12.70
C LEU B 273 20.49 -9.74 13.04
N SER B 274 20.45 -8.63 12.31
CA SER B 274 21.26 -7.44 12.71
C SER B 274 20.45 -6.63 13.71
N ASN B 275 21.04 -5.54 14.17
CA ASN B 275 20.31 -4.62 15.05
C ASN B 275 19.17 -3.93 14.29
N GLU B 276 17.93 -4.12 14.75
CA GLU B 276 16.72 -3.61 14.07
C GLU B 276 16.74 -2.09 13.84
N LYS B 277 17.33 -1.37 14.78
CA LYS B 277 17.43 0.10 14.72
C LYS B 277 18.51 0.59 13.78
N PHE B 278 19.51 -0.23 13.49
CA PHE B 278 20.64 0.21 12.70
C PHE B 278 21.29 -1.01 12.06
N ARG B 279 20.75 -1.41 10.92
CA ARG B 279 21.05 -2.72 10.31
C ARG B 279 22.39 -2.71 9.60
N GLY B 280 23.35 -3.46 10.14
CA GLY B 280 24.64 -3.61 9.50
C GLY B 280 25.10 -5.05 9.46
N VAL B 281 26.00 -5.34 8.54
CA VAL B 281 26.56 -6.68 8.41
C VAL B 281 28.08 -6.58 8.28
N ARG B 282 28.76 -7.65 8.68
CA ARG B 282 30.21 -7.74 8.58
C ARG B 282 30.56 -8.61 7.39
N LEU B 283 31.46 -8.13 6.53
CA LEU B 283 31.98 -8.90 5.41
C LEU B 283 33.39 -9.37 5.71
N TYR B 284 33.63 -10.67 5.55
CA TYR B 284 34.97 -11.21 5.65
C TYR B 284 35.32 -11.74 4.27
N VAL B 285 36.32 -11.15 3.65
CA VAL B 285 36.70 -11.58 2.32
C VAL B 285 38.07 -12.28 2.36
N SER B 286 38.12 -13.43 1.71
CA SER B 286 39.33 -14.23 1.63
CA SER B 286 39.34 -14.23 1.62
C SER B 286 39.30 -14.97 0.31
N GLU B 287 40.31 -15.81 0.06
CA GLU B 287 40.41 -16.58 -1.17
C GLU B 287 39.10 -17.23 -1.62
N ASN B 288 38.53 -16.69 -2.69
CA ASN B 288 37.40 -17.32 -3.38
C ASN B 288 36.11 -17.35 -2.57
N GLN B 289 36.04 -16.58 -1.50
CA GLN B 289 34.94 -16.73 -0.57
C GLN B 289 34.58 -15.45 0.12
N LEU B 290 33.27 -15.24 0.29
CA LEU B 290 32.75 -14.13 1.06
C LEU B 290 31.92 -14.69 2.22
N LYS B 291 32.17 -14.16 3.40
CA LYS B 291 31.35 -14.50 4.56
C LYS B 291 30.73 -13.22 5.09
N ILE B 292 29.42 -13.25 5.24
CA ILE B 292 28.64 -12.13 5.73
C ILE B 292 28.04 -12.57 7.06
N THR B 293 28.24 -11.79 8.11
CA THR B 293 27.68 -12.14 9.40
C THR B 293 26.90 -10.97 10.00
N ALA B 294 25.94 -11.29 10.86
CA ALA B 294 25.19 -10.25 11.59
C ALA B 294 24.82 -10.78 12.95
N ASN B 295 24.67 -9.86 13.90
CA ASN B 295 24.23 -10.22 15.24
C ASN B 295 23.46 -9.05 15.84
N ASN B 296 22.67 -9.35 16.86
CA ASN B 296 21.79 -8.37 17.50
C ASN B 296 21.92 -8.43 19.02
N PRO B 297 21.25 -7.52 19.76
CA PRO B 297 21.41 -7.50 21.23
C PRO B 297 20.91 -8.74 21.96
N GLU B 298 20.08 -9.53 21.30
CA GLU B 298 19.57 -10.80 21.84
CA GLU B 298 19.60 -10.79 21.88
C GLU B 298 20.56 -11.94 21.60
N GLN B 299 21.73 -11.60 21.04
CA GLN B 299 22.80 -12.57 20.74
C GLN B 299 22.40 -13.61 19.69
N GLU B 300 21.41 -13.26 18.87
CA GLU B 300 21.09 -14.04 17.68
C GLU B 300 22.13 -13.71 16.60
N GLU B 301 22.41 -14.68 15.72
CA GLU B 301 23.49 -14.56 14.74
C GLU B 301 23.09 -15.14 13.41
N ALA B 302 23.54 -14.51 12.34
CA ALA B 302 23.36 -15.01 10.99
C ALA B 302 24.71 -15.12 10.33
N GLU B 303 24.86 -16.11 9.45
CA GLU B 303 26.10 -16.25 8.70
C GLU B 303 25.76 -16.77 7.32
N GLU B 304 26.32 -16.10 6.31
CA GLU B 304 26.16 -16.48 4.92
C GLU B 304 27.55 -16.69 4.34
N ILE B 305 27.78 -17.82 3.69
CA ILE B 305 29.01 -18.02 2.95
C ILE B 305 28.66 -18.08 1.46
N LEU B 306 29.41 -17.33 0.64
CA LEU B 306 29.22 -17.31 -0.82
C LEU B 306 30.55 -17.65 -1.49
N ASP B 307 30.50 -18.43 -2.56
CA ASP B 307 31.65 -18.60 -3.42
C ASP B 307 31.71 -17.38 -4.32
N VAL B 308 32.86 -16.71 -4.35
CA VAL B 308 32.99 -15.46 -5.12
C VAL B 308 34.33 -15.39 -5.83
N THR B 309 34.41 -14.47 -6.77
CA THR B 309 35.67 -14.06 -7.39
C THR B 309 36.29 -12.99 -6.51
N TYR B 310 37.51 -13.26 -6.03
CA TYR B 310 38.20 -12.32 -5.17
C TYR B 310 39.72 -12.33 -5.36
N SER B 311 40.27 -11.12 -5.45
CA SER B 311 41.70 -10.92 -5.47
C SER B 311 42.08 -9.93 -4.40
N GLY B 312 43.13 -10.25 -3.65
CA GLY B 312 43.66 -9.33 -2.67
C GLY B 312 43.89 -9.97 -1.32
N ALA B 313 44.40 -9.15 -0.40
CA ALA B 313 44.64 -9.58 0.96
C ALA B 313 43.31 -9.86 1.66
N GLU B 314 43.32 -10.77 2.62
CA GLU B 314 42.16 -10.98 3.49
C GLU B 314 41.81 -9.71 4.24
N MET B 315 40.53 -9.43 4.41
CA MET B 315 40.10 -8.28 5.21
C MET B 315 38.68 -8.45 5.73
N GLU B 316 38.37 -7.73 6.80
CA GLU B 316 37.01 -7.62 7.32
C GLU B 316 36.58 -6.16 7.21
N ILE B 317 35.32 -5.95 6.82
CA ILE B 317 34.75 -4.62 6.66
C ILE B 317 33.25 -4.71 6.89
N GLY B 318 32.69 -3.70 7.57
CA GLY B 318 31.25 -3.61 7.79
C GLY B 318 30.52 -2.66 6.85
N PHE B 319 29.24 -2.93 6.63
CA PHE B 319 28.36 -2.08 5.82
C PHE B 319 26.96 -1.95 6.39
N ASN B 320 26.42 -0.75 6.27
CA ASN B 320 25.01 -0.51 6.42
C ASN B 320 24.28 -1.26 5.32
N VAL B 321 23.34 -2.11 5.73
CA VAL B 321 22.63 -3.00 4.80
C VAL B 321 21.85 -2.22 3.77
N SER B 322 21.09 -1.22 4.22
CA SER B 322 20.23 -0.46 3.31
C SER B 322 21.04 0.21 2.20
N TYR B 323 22.26 0.68 2.52
CA TYR B 323 23.10 1.31 1.50
C TYR B 323 23.49 0.33 0.42
N VAL B 324 23.84 -0.90 0.81
CA VAL B 324 24.28 -1.88 -0.16
C VAL B 324 23.08 -2.38 -0.95
N LEU B 325 21.99 -2.67 -0.26
CA LEU B 325 20.80 -3.16 -0.95
C LEU B 325 20.26 -2.14 -1.95
N ASP B 326 20.30 -0.86 -1.59
CA ASP B 326 19.88 0.22 -2.49
C ASP B 326 20.65 0.20 -3.79
N VAL B 327 21.97 0.01 -3.69
CA VAL B 327 22.83 -0.03 -4.87
C VAL B 327 22.51 -1.27 -5.70
N LEU B 328 22.40 -2.43 -5.05
CA LEU B 328 22.17 -3.69 -5.78
C LEU B 328 20.81 -3.68 -6.45
N ASN B 329 19.83 -3.06 -5.80
CA ASN B 329 18.49 -2.92 -6.36
C ASN B 329 18.47 -1.96 -7.55
N ALA B 330 19.29 -0.92 -7.50
CA ALA B 330 19.40 0.01 -8.60
C ALA B 330 20.11 -0.62 -9.82
N LEU B 331 21.09 -1.48 -9.57
CA LEU B 331 21.88 -2.09 -10.65
C LEU B 331 21.11 -3.08 -11.52
N LYS B 332 20.27 -3.91 -10.90
CA LYS B 332 19.45 -4.87 -11.62
C LYS B 332 20.22 -5.60 -12.72
N CYS B 333 21.39 -6.10 -12.38
CA CYS B 333 22.26 -6.70 -13.38
C CYS B 333 22.65 -8.11 -12.99
N GLU B 334 23.48 -8.75 -13.78
CA GLU B 334 23.86 -10.14 -13.53
C GLU B 334 24.95 -10.21 -12.46
N ASN B 335 26.05 -9.51 -12.70
CA ASN B 335 27.18 -9.55 -11.77
C ASN B 335 27.60 -8.16 -11.33
N VAL B 336 28.12 -8.10 -10.10
CA VAL B 336 28.53 -6.86 -9.48
CA VAL B 336 28.53 -6.87 -9.46
C VAL B 336 30.02 -6.94 -9.15
N ARG B 337 30.69 -5.80 -9.23
CA ARG B 337 32.07 -5.68 -8.83
C ARG B 337 32.15 -4.74 -7.63
N MET B 338 32.92 -5.15 -6.62
CA MET B 338 33.21 -4.31 -5.47
CA MET B 338 33.20 -4.32 -5.47
C MET B 338 34.71 -4.06 -5.43
N MET B 339 35.10 -2.79 -5.33
CA MET B 339 36.50 -2.40 -5.35
C MET B 339 36.85 -1.87 -3.97
N LEU B 340 37.77 -2.54 -3.29
CA LEU B 340 38.06 -2.20 -1.89
C LEU B 340 39.51 -1.82 -1.69
N THR B 341 39.76 -1.11 -0.60
CA THR B 341 41.09 -0.61 -0.28
C THR B 341 41.54 -1.18 1.07
N ASP B 342 40.83 -0.82 2.13
CA ASP B 342 41.05 -1.36 3.48
C ASP B 342 39.77 -1.23 4.33
N SER B 343 39.85 -1.63 5.60
CA SER B 343 38.65 -1.71 6.46
C SER B 343 37.98 -0.39 6.80
N VAL B 344 38.71 0.72 6.68
CA VAL B 344 38.19 2.03 7.06
C VAL B 344 37.99 2.97 5.87
N SER B 345 38.02 2.44 4.64
CA SER B 345 37.87 3.25 3.46
C SER B 345 36.62 2.81 2.71
N SER B 346 36.02 3.75 1.99
CA SER B 346 34.81 3.50 1.21
CA SER B 346 34.81 3.48 1.23
C SER B 346 35.11 2.53 0.07
N VAL B 347 34.07 1.84 -0.37
CA VAL B 347 34.14 0.88 -1.44
C VAL B 347 33.42 1.46 -2.64
N GLN B 348 33.83 1.04 -3.84
CA GLN B 348 33.13 1.35 -5.06
C GLN B 348 32.44 0.08 -5.56
N ILE B 349 31.21 0.21 -6.02
CA ILE B 349 30.39 -0.91 -6.50
C ILE B 349 29.90 -0.55 -7.89
N GLU B 350 30.02 -1.48 -8.84
CA GLU B 350 29.54 -1.23 -10.19
C GLU B 350 28.98 -2.52 -10.76
N ASP B 351 28.15 -2.38 -11.79
CA ASP B 351 27.79 -3.50 -12.64
C ASP B 351 29.07 -4.00 -13.30
N ALA B 352 29.34 -5.30 -13.23
CA ALA B 352 30.54 -5.84 -13.88
C ALA B 352 30.51 -5.64 -15.40
N ALA B 353 29.32 -5.47 -15.98
CA ALA B 353 29.18 -5.40 -17.45
C ALA B 353 28.89 -4.01 -18.01
N SER B 354 28.96 -2.97 -17.17
CA SER B 354 28.60 -1.62 -17.58
C SER B 354 29.31 -0.61 -16.68
N GLN B 355 29.92 0.40 -17.30
CA GLN B 355 30.60 1.45 -16.53
C GLN B 355 29.89 2.80 -16.61
N SER B 356 28.60 2.78 -16.92
CA SER B 356 27.83 4.03 -17.01
C SER B 356 27.43 4.59 -15.64
N ALA B 357 27.36 3.73 -14.61
CA ALA B 357 27.11 4.18 -13.22
C ALA B 357 28.12 3.60 -12.26
N ALA B 358 28.35 4.31 -11.17
CA ALA B 358 29.21 3.84 -10.08
C ALA B 358 28.69 4.34 -8.76
N TYR B 359 28.98 3.58 -7.71
CA TYR B 359 28.43 3.82 -6.37
C TYR B 359 29.58 3.73 -5.38
N VAL B 360 29.59 4.65 -4.43
CA VAL B 360 30.63 4.68 -3.40
C VAL B 360 29.89 4.62 -2.07
N VAL B 361 30.30 3.69 -1.22
CA VAL B 361 29.65 3.50 0.07
C VAL B 361 30.72 3.47 1.16
N MET B 362 30.55 4.32 2.17
CA MET B 362 31.41 4.30 3.35
C MET B 362 31.17 3.02 4.14
N PRO B 363 32.20 2.52 4.84
CA PRO B 363 32.00 1.35 5.69
C PRO B 363 31.33 1.72 7.02
N MET B 364 30.75 0.72 7.67
CA MET B 364 30.07 0.90 8.96
C MET B 364 30.84 0.14 10.03
N ARG B 365 31.04 0.79 11.18
CA ARG B 365 31.72 0.16 12.32
CA ARG B 365 31.73 0.27 12.36
C ARG B 365 33.24 0.32 12.20
#